data_1SWI
# 
_entry.id   1SWI 
# 
_audit_conform.dict_name       mmcif_pdbx.dic 
_audit_conform.dict_version    5.386 
_audit_conform.dict_location   http://mmcif.pdb.org/dictionaries/ascii/mmcif_pdbx.dic 
# 
loop_
_database_2.database_id 
_database_2.database_code 
_database_2.pdbx_database_accession 
_database_2.pdbx_DOI 
PDB   1SWI         pdb_00001swi 10.2210/pdb1swi/pdb 
WWPDB D_1000176546 ?            ?                   
# 
loop_
_pdbx_audit_revision_history.ordinal 
_pdbx_audit_revision_history.data_content_type 
_pdbx_audit_revision_history.major_revision 
_pdbx_audit_revision_history.minor_revision 
_pdbx_audit_revision_history.revision_date 
1 'Structure model' 1 0 1996-11-08 
2 'Structure model' 1 1 2008-03-24 
3 'Structure model' 1 2 2011-07-13 
4 'Structure model' 1 3 2019-07-17 
5 'Structure model' 1 4 2019-08-14 
6 'Structure model' 1 5 2021-11-03 
7 'Structure model' 1 6 2024-02-14 
# 
_pdbx_audit_revision_details.ordinal             1 
_pdbx_audit_revision_details.revision_ordinal    1 
_pdbx_audit_revision_details.data_content_type   'Structure model' 
_pdbx_audit_revision_details.provider            repository 
_pdbx_audit_revision_details.type                'Initial release' 
_pdbx_audit_revision_details.description         ? 
_pdbx_audit_revision_details.details             ? 
# 
loop_
_pdbx_audit_revision_group.ordinal 
_pdbx_audit_revision_group.revision_ordinal 
_pdbx_audit_revision_group.data_content_type 
_pdbx_audit_revision_group.group 
1 2 'Structure model' 'Version format compliance' 
2 3 'Structure model' 'Version format compliance' 
3 4 'Structure model' 'Data collection'           
4 4 'Structure model' Other                       
5 4 'Structure model' 'Refinement description'    
6 5 'Structure model' 'Data collection'           
7 6 'Structure model' 'Database references'       
8 6 'Structure model' 'Derived calculations'      
9 7 'Structure model' 'Data collection'           
# 
loop_
_pdbx_audit_revision_category.ordinal 
_pdbx_audit_revision_category.revision_ordinal 
_pdbx_audit_revision_category.data_content_type 
_pdbx_audit_revision_category.category 
1 4 'Structure model' pdbx_database_status 
2 4 'Structure model' software             
3 5 'Structure model' computing            
4 6 'Structure model' database_2           
5 6 'Structure model' struct_ref_seq_dif   
6 6 'Structure model' struct_site          
7 7 'Structure model' chem_comp_atom       
8 7 'Structure model' chem_comp_bond       
# 
loop_
_pdbx_audit_revision_item.ordinal 
_pdbx_audit_revision_item.revision_ordinal 
_pdbx_audit_revision_item.data_content_type 
_pdbx_audit_revision_item.item 
1 4 'Structure model' '_pdbx_database_status.process_site'  
2 4 'Structure model' '_software.classification'            
3 6 'Structure model' '_database_2.pdbx_DOI'                
4 6 'Structure model' '_database_2.pdbx_database_accession' 
5 6 'Structure model' '_struct_ref_seq_dif.details'         
6 6 'Structure model' '_struct_site.pdbx_auth_asym_id'      
7 6 'Structure model' '_struct_site.pdbx_auth_comp_id'      
8 6 'Structure model' '_struct_site.pdbx_auth_seq_id'       
# 
_pdbx_database_status.status_code                     REL 
_pdbx_database_status.entry_id                        1SWI 
_pdbx_database_status.recvd_initial_deposition_date   1996-05-09 
_pdbx_database_status.deposit_site                    ? 
_pdbx_database_status.process_site                    BNL 
_pdbx_database_status.SG_entry                        . 
_pdbx_database_status.pdb_format_compatible           Y 
_pdbx_database_status.status_code_mr                  ? 
_pdbx_database_status.status_code_sf                  ? 
_pdbx_database_status.status_code_cs                  ? 
_pdbx_database_status.methods_development_category    ? 
_pdbx_database_status.status_code_nmr_data            ? 
# 
loop_
_audit_author.name 
_audit_author.pdbx_ordinal 
'Gonzalez, L.' 1 
'Plecs, J.'    2 
'Alber, T.'    3 
# 
loop_
_citation.id 
_citation.title 
_citation.journal_abbrev 
_citation.journal_volume 
_citation.page_first 
_citation.page_last 
_citation.year 
_citation.journal_id_ASTM 
_citation.country 
_citation.journal_id_ISSN 
_citation.journal_id_CSD 
_citation.book_publisher 
_citation.pdbx_database_id_PubMed 
_citation.pdbx_database_id_DOI 
primary 'An engineered allosteric switch in leucine-zipper oligomerization.'                           Nat.Struct.Biol. 3   510  
515 1996 NSBIEW US 1072-8368 2024 ? 8646536 10.1038/nsb0696-510 
1       'Crystal Structure of an Isoleucine-Zipper Trimer'                                             Nature           371 80   ? 
1994 NATUAS UK 0028-0836 0006 ? ?       ?                   
2       'A Switch between Two-, Three-, and Four-Stranded Coiled Coils in GCN4 Leucine Zipper Mutants' Science          262 1401 ? 
1993 SCIEAS US 0036-8075 0038 ? ?       ?                   
3       'X-Ray Structure of the GCN4 Leucine Zipper'                                                   Science          254 539  ? 
1991 SCIEAS US 0036-8075 0038 ? ?       ?                   
# 
loop_
_citation_author.citation_id 
_citation_author.name 
_citation_author.ordinal 
_citation_author.identifier_ORCID 
primary 'Gonzalez Jr., L.' 1  ? 
primary 'Plecs, J.J.'      2  ? 
primary 'Alber, T.'        3  ? 
1       'Harbury, P.B.'    4  ? 
1       'Kim, P.S.'        5  ? 
1       'Alber, T.'        6  ? 
2       'Harbury, P.B.'    7  ? 
2       'Zhang, T.'        8  ? 
2       'Kim, P.S.'        9  ? 
2       'Alber, T.'        10 ? 
3       
;O'Shea, E.K.
;
11 ? 
3       'Klemm, J.D.'      12 ? 
3       'Kim, P.S.'        13 ? 
3       'Alber, T.'        14 ? 
# 
loop_
_entity.id 
_entity.type 
_entity.src_method 
_entity.pdbx_description 
_entity.formula_weight 
_entity.pdbx_number_of_molecules 
_entity.pdbx_ec 
_entity.pdbx_mutation 
_entity.pdbx_fragment 
_entity.details 
1 polymer     man GCN4P1  3962.639 3  ? N16A ? ? 
2 non-polymer syn BENZENE 78.112   1  ? ?    ? ? 
3 water       nat water   18.015   29 ? ?    ? ? 
# 
_entity_poly.entity_id                      1 
_entity_poly.type                           'polypeptide(L)' 
_entity_poly.nstd_linkage                   no 
_entity_poly.nstd_monomer                   no 
_entity_poly.pdbx_seq_one_letter_code       RMKQLEDKVEELLSKAYHLENEVARLKKLVGER 
_entity_poly.pdbx_seq_one_letter_code_can   RMKQLEDKVEELLSKAYHLENEVARLKKLVGER 
_entity_poly.pdbx_strand_id                 A,B,C 
_entity_poly.pdbx_target_identifier         ? 
# 
loop_
_pdbx_entity_nonpoly.entity_id 
_pdbx_entity_nonpoly.name 
_pdbx_entity_nonpoly.comp_id 
2 BENZENE BNZ 
3 water   HOH 
# 
loop_
_entity_poly_seq.entity_id 
_entity_poly_seq.num 
_entity_poly_seq.mon_id 
_entity_poly_seq.hetero 
1 1  ARG n 
1 2  MET n 
1 3  LYS n 
1 4  GLN n 
1 5  LEU n 
1 6  GLU n 
1 7  ASP n 
1 8  LYS n 
1 9  VAL n 
1 10 GLU n 
1 11 GLU n 
1 12 LEU n 
1 13 LEU n 
1 14 SER n 
1 15 LYS n 
1 16 ALA n 
1 17 TYR n 
1 18 HIS n 
1 19 LEU n 
1 20 GLU n 
1 21 ASN n 
1 22 GLU n 
1 23 VAL n 
1 24 ALA n 
1 25 ARG n 
1 26 LEU n 
1 27 LYS n 
1 28 LYS n 
1 29 LEU n 
1 30 VAL n 
1 31 GLY n 
1 32 GLU n 
1 33 ARG n 
# 
_entity_src_gen.entity_id                          1 
_entity_src_gen.pdbx_src_id                        1 
_entity_src_gen.pdbx_alt_source_flag               sample 
_entity_src_gen.pdbx_seq_type                      ? 
_entity_src_gen.pdbx_beg_seq_num                   ? 
_entity_src_gen.pdbx_end_seq_num                   ? 
_entity_src_gen.gene_src_common_name               
;baker's yeast
;
_entity_src_gen.gene_src_genus                     Saccharomyces 
_entity_src_gen.pdbx_gene_src_gene                 ? 
_entity_src_gen.gene_src_species                   ? 
_entity_src_gen.gene_src_strain                    ? 
_entity_src_gen.gene_src_tissue                    ? 
_entity_src_gen.gene_src_tissue_fraction           ? 
_entity_src_gen.gene_src_details                   ? 
_entity_src_gen.pdbx_gene_src_fragment             ? 
_entity_src_gen.pdbx_gene_src_scientific_name      'Saccharomyces cerevisiae' 
_entity_src_gen.pdbx_gene_src_ncbi_taxonomy_id     4932 
_entity_src_gen.pdbx_gene_src_variant              ? 
_entity_src_gen.pdbx_gene_src_cell_line            ? 
_entity_src_gen.pdbx_gene_src_atcc                 ? 
_entity_src_gen.pdbx_gene_src_organ                ? 
_entity_src_gen.pdbx_gene_src_organelle            ? 
_entity_src_gen.pdbx_gene_src_cell                 ? 
_entity_src_gen.pdbx_gene_src_cellular_location    ? 
_entity_src_gen.host_org_common_name               ? 
_entity_src_gen.pdbx_host_org_scientific_name      ? 
_entity_src_gen.pdbx_host_org_ncbi_taxonomy_id     ? 
_entity_src_gen.host_org_genus                     ? 
_entity_src_gen.pdbx_host_org_gene                 ? 
_entity_src_gen.pdbx_host_org_organ                ? 
_entity_src_gen.host_org_species                   ? 
_entity_src_gen.pdbx_host_org_tissue               ? 
_entity_src_gen.pdbx_host_org_tissue_fraction      ? 
_entity_src_gen.pdbx_host_org_strain               ? 
_entity_src_gen.pdbx_host_org_variant              ? 
_entity_src_gen.pdbx_host_org_cell_line            ? 
_entity_src_gen.pdbx_host_org_atcc                 ? 
_entity_src_gen.pdbx_host_org_culture_collection   ? 
_entity_src_gen.pdbx_host_org_cell                 ? 
_entity_src_gen.pdbx_host_org_organelle            ? 
_entity_src_gen.pdbx_host_org_cellular_location    ? 
_entity_src_gen.pdbx_host_org_vector_type          ? 
_entity_src_gen.pdbx_host_org_vector               ? 
_entity_src_gen.host_org_details                   ? 
_entity_src_gen.expression_system_id               ? 
_entity_src_gen.plasmid_name                       ? 
_entity_src_gen.plasmid_details                    ? 
_entity_src_gen.pdbx_description                   ? 
# 
loop_
_chem_comp.id 
_chem_comp.type 
_chem_comp.mon_nstd_flag 
_chem_comp.name 
_chem_comp.pdbx_synonyms 
_chem_comp.formula 
_chem_comp.formula_weight 
ALA 'L-peptide linking' y ALANINE         ? 'C3 H7 N O2'     89.093  
ARG 'L-peptide linking' y ARGININE        ? 'C6 H15 N4 O2 1' 175.209 
ASN 'L-peptide linking' y ASPARAGINE      ? 'C4 H8 N2 O3'    132.118 
ASP 'L-peptide linking' y 'ASPARTIC ACID' ? 'C4 H7 N O4'     133.103 
BNZ non-polymer         . BENZENE         ? 'C6 H6'          78.112  
GLN 'L-peptide linking' y GLUTAMINE       ? 'C5 H10 N2 O3'   146.144 
GLU 'L-peptide linking' y 'GLUTAMIC ACID' ? 'C5 H9 N O4'     147.129 
GLY 'peptide linking'   y GLYCINE         ? 'C2 H5 N O2'     75.067  
HIS 'L-peptide linking' y HISTIDINE       ? 'C6 H10 N3 O2 1' 156.162 
HOH non-polymer         . WATER           ? 'H2 O'           18.015  
LEU 'L-peptide linking' y LEUCINE         ? 'C6 H13 N O2'    131.173 
LYS 'L-peptide linking' y LYSINE          ? 'C6 H15 N2 O2 1' 147.195 
MET 'L-peptide linking' y METHIONINE      ? 'C5 H11 N O2 S'  149.211 
SER 'L-peptide linking' y SERINE          ? 'C3 H7 N O3'     105.093 
TYR 'L-peptide linking' y TYROSINE        ? 'C9 H11 N O3'    181.189 
VAL 'L-peptide linking' y VALINE          ? 'C5 H11 N O2'    117.146 
# 
loop_
_pdbx_poly_seq_scheme.asym_id 
_pdbx_poly_seq_scheme.entity_id 
_pdbx_poly_seq_scheme.seq_id 
_pdbx_poly_seq_scheme.mon_id 
_pdbx_poly_seq_scheme.ndb_seq_num 
_pdbx_poly_seq_scheme.pdb_seq_num 
_pdbx_poly_seq_scheme.auth_seq_num 
_pdbx_poly_seq_scheme.pdb_mon_id 
_pdbx_poly_seq_scheme.auth_mon_id 
_pdbx_poly_seq_scheme.pdb_strand_id 
_pdbx_poly_seq_scheme.pdb_ins_code 
_pdbx_poly_seq_scheme.hetero 
A 1 1  ARG 1  1  1  ARG ARG A . n 
A 1 2  MET 2  2  2  MET MET A . n 
A 1 3  LYS 3  3  3  LYS LYS A . n 
A 1 4  GLN 4  4  4  GLN GLN A . n 
A 1 5  LEU 5  5  5  LEU LEU A . n 
A 1 6  GLU 6  6  6  GLU GLU A . n 
A 1 7  ASP 7  7  7  ASP ASP A . n 
A 1 8  LYS 8  8  8  LYS LYS A . n 
A 1 9  VAL 9  9  9  VAL VAL A . n 
A 1 10 GLU 10 10 10 GLU GLU A . n 
A 1 11 GLU 11 11 11 GLU GLU A . n 
A 1 12 LEU 12 12 12 LEU LEU A . n 
A 1 13 LEU 13 13 13 LEU LEU A . n 
A 1 14 SER 14 14 14 SER SER A . n 
A 1 15 LYS 15 15 15 LYS LYS A . n 
A 1 16 ALA 16 16 16 ALA ALA A . n 
A 1 17 TYR 17 17 17 TYR TYR A . n 
A 1 18 HIS 18 18 18 HIS HIS A . n 
A 1 19 LEU 19 19 19 LEU LEU A . n 
A 1 20 GLU 20 20 20 GLU GLU A . n 
A 1 21 ASN 21 21 21 ASN ASN A . n 
A 1 22 GLU 22 22 22 GLU GLU A . n 
A 1 23 VAL 23 23 23 VAL VAL A . n 
A 1 24 ALA 24 24 24 ALA ALA A . n 
A 1 25 ARG 25 25 25 ARG ARG A . n 
A 1 26 LEU 26 26 26 LEU LEU A . n 
A 1 27 LYS 27 27 27 LYS LYS A . n 
A 1 28 LYS 28 28 28 LYS LYS A . n 
A 1 29 LEU 29 29 29 LEU LEU A . n 
A 1 30 VAL 30 30 30 VAL VAL A . n 
A 1 31 GLY 31 31 31 GLY GLY A . n 
A 1 32 GLU 32 32 ?  ?   ?   A . n 
A 1 33 ARG 33 33 ?  ?   ?   A . n 
B 1 1  ARG 1  1  1  ARG ARG B . n 
B 1 2  MET 2  2  2  MET MET B . n 
B 1 3  LYS 3  3  3  LYS LYS B . n 
B 1 4  GLN 4  4  4  GLN GLN B . n 
B 1 5  LEU 5  5  5  LEU LEU B . n 
B 1 6  GLU 6  6  6  GLU GLU B . n 
B 1 7  ASP 7  7  7  ASP ASP B . n 
B 1 8  LYS 8  8  8  LYS LYS B . n 
B 1 9  VAL 9  9  9  VAL VAL B . n 
B 1 10 GLU 10 10 10 GLU GLU B . n 
B 1 11 GLU 11 11 11 GLU GLU B . n 
B 1 12 LEU 12 12 12 LEU LEU B . n 
B 1 13 LEU 13 13 13 LEU LEU B . n 
B 1 14 SER 14 14 14 SER SER B . n 
B 1 15 LYS 15 15 15 LYS LYS B . n 
B 1 16 ALA 16 16 16 ALA ALA B . n 
B 1 17 TYR 17 17 17 TYR TYR B . n 
B 1 18 HIS 18 18 18 HIS HIS B . n 
B 1 19 LEU 19 19 19 LEU LEU B . n 
B 1 20 GLU 20 20 20 GLU GLU B . n 
B 1 21 ASN 21 21 21 ASN ASN B . n 
B 1 22 GLU 22 22 22 GLU GLU B . n 
B 1 23 VAL 23 23 23 VAL VAL B . n 
B 1 24 ALA 24 24 24 ALA ALA B . n 
B 1 25 ARG 25 25 25 ARG ARG B . n 
B 1 26 LEU 26 26 26 LEU LEU B . n 
B 1 27 LYS 27 27 27 LYS LYS B . n 
B 1 28 LYS 28 28 28 LYS LYS B . n 
B 1 29 LEU 29 29 29 LEU LEU B . n 
B 1 30 VAL 30 30 30 VAL VAL B . n 
B 1 31 GLY 31 31 ?  ?   ?   B . n 
B 1 32 GLU 32 32 ?  ?   ?   B . n 
B 1 33 ARG 33 33 ?  ?   ?   B . n 
C 1 1  ARG 1  1  1  ARG ARG C . n 
C 1 2  MET 2  2  2  MET MET C . n 
C 1 3  LYS 3  3  3  LYS LYS C . n 
C 1 4  GLN 4  4  4  GLN GLN C . n 
C 1 5  LEU 5  5  5  LEU LEU C . n 
C 1 6  GLU 6  6  6  GLU GLU C . n 
C 1 7  ASP 7  7  7  ASP ASP C . n 
C 1 8  LYS 8  8  8  LYS LYS C . n 
C 1 9  VAL 9  9  9  VAL VAL C . n 
C 1 10 GLU 10 10 10 GLU GLU C . n 
C 1 11 GLU 11 11 11 GLU GLU C . n 
C 1 12 LEU 12 12 12 LEU LEU C . n 
C 1 13 LEU 13 13 13 LEU LEU C . n 
C 1 14 SER 14 14 14 SER SER C . n 
C 1 15 LYS 15 15 15 LYS LYS C . n 
C 1 16 ALA 16 16 16 ALA ALA C . n 
C 1 17 TYR 17 17 17 TYR TYR C . n 
C 1 18 HIS 18 18 18 HIS HIS C . n 
C 1 19 LEU 19 19 19 LEU LEU C . n 
C 1 20 GLU 20 20 20 GLU GLU C . n 
C 1 21 ASN 21 21 21 ASN ASN C . n 
C 1 22 GLU 22 22 22 GLU GLU C . n 
C 1 23 VAL 23 23 23 VAL VAL C . n 
C 1 24 ALA 24 24 24 ALA ALA C . n 
C 1 25 ARG 25 25 25 ARG ARG C . n 
C 1 26 LEU 26 26 26 LEU LEU C . n 
C 1 27 LYS 27 27 27 LYS LYS C . n 
C 1 28 LYS 28 28 28 LYS LYS C . n 
C 1 29 LEU 29 29 29 LEU LEU C . n 
C 1 30 VAL 30 30 30 VAL VAL C . n 
C 1 31 GLY 31 31 ?  ?   ?   C . n 
C 1 32 GLU 32 32 ?  ?   ?   C . n 
C 1 33 ARG 33 33 ?  ?   ?   C . n 
# 
loop_
_pdbx_nonpoly_scheme.asym_id 
_pdbx_nonpoly_scheme.entity_id 
_pdbx_nonpoly_scheme.mon_id 
_pdbx_nonpoly_scheme.ndb_seq_num 
_pdbx_nonpoly_scheme.pdb_seq_num 
_pdbx_nonpoly_scheme.auth_seq_num 
_pdbx_nonpoly_scheme.pdb_mon_id 
_pdbx_nonpoly_scheme.auth_mon_id 
_pdbx_nonpoly_scheme.pdb_strand_id 
_pdbx_nonpoly_scheme.pdb_ins_code 
D 2 BNZ 1  100 100 BNZ BNZ B . 
E 3 HOH 1  50  50  HOH HOH A . 
E 3 HOH 2  54  54  HOH HOH A . 
E 3 HOH 3  56  56  HOH HOH A . 
E 3 HOH 4  58  58  HOH HOH A . 
E 3 HOH 5  59  59  HOH HOH A . 
E 3 HOH 6  63  63  HOH HOH A . 
E 3 HOH 7  65  65  HOH HOH A . 
E 3 HOH 8  66  66  HOH HOH A . 
E 3 HOH 9  69  69  HOH HOH A . 
E 3 HOH 10 74  74  HOH HOH A . 
E 3 HOH 11 75  75  HOH HOH A . 
E 3 HOH 12 78  78  HOH HOH A . 
F 3 HOH 1  51  51  HOH HOH B . 
F 3 HOH 2  62  62  HOH HOH B . 
F 3 HOH 3  64  64  HOH HOH B . 
F 3 HOH 4  68  68  HOH HOH B . 
F 3 HOH 5  72  72  HOH HOH B . 
F 3 HOH 6  73  73  HOH HOH B . 
F 3 HOH 7  76  76  HOH HOH B . 
F 3 HOH 8  77  77  HOH HOH B . 
G 3 HOH 1  52  52  HOH HOH C . 
G 3 HOH 2  53  53  HOH HOH C . 
G 3 HOH 3  55  55  HOH HOH C . 
G 3 HOH 4  57  57  HOH HOH C . 
G 3 HOH 5  60  60  HOH HOH C . 
G 3 HOH 6  61  61  HOH HOH C . 
G 3 HOH 7  67  67  HOH HOH C . 
G 3 HOH 8  70  70  HOH HOH C . 
G 3 HOH 9  71  71  HOH HOH C . 
# 
loop_
_pdbx_unobs_or_zero_occ_atoms.id 
_pdbx_unobs_or_zero_occ_atoms.PDB_model_num 
_pdbx_unobs_or_zero_occ_atoms.polymer_flag 
_pdbx_unobs_or_zero_occ_atoms.occupancy_flag 
_pdbx_unobs_or_zero_occ_atoms.auth_asym_id 
_pdbx_unobs_or_zero_occ_atoms.auth_comp_id 
_pdbx_unobs_or_zero_occ_atoms.auth_seq_id 
_pdbx_unobs_or_zero_occ_atoms.PDB_ins_code 
_pdbx_unobs_or_zero_occ_atoms.auth_atom_id 
_pdbx_unobs_or_zero_occ_atoms.label_alt_id 
_pdbx_unobs_or_zero_occ_atoms.label_asym_id 
_pdbx_unobs_or_zero_occ_atoms.label_comp_id 
_pdbx_unobs_or_zero_occ_atoms.label_seq_id 
_pdbx_unobs_or_zero_occ_atoms.label_atom_id 
1 1 Y 1 C ARG 1 ? CG  ? C ARG 1 CG  
2 1 Y 1 C ARG 1 ? CD  ? C ARG 1 CD  
3 1 Y 1 C ARG 1 ? NE  ? C ARG 1 NE  
4 1 Y 1 C ARG 1 ? CZ  ? C ARG 1 CZ  
5 1 Y 1 C ARG 1 ? NH1 ? C ARG 1 NH1 
6 1 Y 1 C ARG 1 ? NH2 ? C ARG 1 NH2 
# 
loop_
_software.name 
_software.classification 
_software.version 
_software.citation_id 
_software.pdbx_ordinal 
X-PLOR refinement       . ? 1 
TNT    refinement       . ? 2 
X-PLOR 'model building' . ? 3 
R-AXIS 'data reduction' . ? 4 
X-PLOR phasing          . ? 5 
# 
_cell.entry_id           1SWI 
_cell.length_a           37.210 
_cell.length_b           46.410 
_cell.length_c           52.050 
_cell.angle_alpha        90.00 
_cell.angle_beta         90.00 
_cell.angle_gamma        90.00 
_cell.Z_PDB              12 
_cell.pdbx_unique_axis   ? 
# 
_symmetry.entry_id                         1SWI 
_symmetry.space_group_name_H-M             'P 21 21 21' 
_symmetry.pdbx_full_space_group_name_H-M   ? 
_symmetry.cell_setting                     ? 
_symmetry.Int_Tables_number                19 
# 
_exptl.entry_id          1SWI 
_exptl.method            'X-RAY DIFFRACTION' 
_exptl.crystals_number   ? 
# 
_exptl_crystal.id                    1 
_exptl_crystal.density_meas          ? 
_exptl_crystal.density_Matthews      1.88 
_exptl_crystal.density_percent_sol   34. 
_exptl_crystal.description           ? 
# 
_diffrn.id                     1 
_diffrn.ambient_temp           ? 
_diffrn.ambient_temp_details   ? 
_diffrn.crystal_id             1 
# 
_diffrn_detector.diffrn_id              1 
_diffrn_detector.detector               'IMAGE PLATE' 
_diffrn_detector.type                   RIGAKU 
_diffrn_detector.pdbx_collection_date   1994-08 
_diffrn_detector.details                ? 
# 
_diffrn_radiation.diffrn_id                        1 
_diffrn_radiation.wavelength_id                    1 
_diffrn_radiation.pdbx_monochromatic_or_laue_m_l   M 
_diffrn_radiation.monochromator                    ? 
_diffrn_radiation.pdbx_diffrn_protocol             ? 
_diffrn_radiation.pdbx_scattering_type             x-ray 
# 
_diffrn_radiation_wavelength.id           1 
_diffrn_radiation_wavelength.wavelength   1.5418 
_diffrn_radiation_wavelength.wt           1.0 
# 
_diffrn_source.diffrn_id                   1 
_diffrn_source.source                      ? 
_diffrn_source.type                        ? 
_diffrn_source.pdbx_synchrotron_site       ? 
_diffrn_source.pdbx_synchrotron_beamline   ? 
_diffrn_source.pdbx_wavelength             1.5418 
_diffrn_source.pdbx_wavelength_list        ? 
# 
_reflns.entry_id                     1SWI 
_reflns.observed_criterion_sigma_I   2. 
_reflns.observed_criterion_sigma_F   ? 
_reflns.d_resolution_low             ? 
_reflns.d_resolution_high            ? 
_reflns.number_obs                   2618 
_reflns.number_all                   ? 
_reflns.percent_possible_obs         86. 
_reflns.pdbx_Rmerge_I_obs            0.0970000 
_reflns.pdbx_Rsym_value              ? 
_reflns.pdbx_netI_over_sigmaI        ? 
_reflns.B_iso_Wilson_estimate        ? 
_reflns.pdbx_redundancy              2.3 
_reflns.pdbx_diffrn_id               1 
_reflns.pdbx_ordinal                 1 
# 
_refine.entry_id                                 1SWI 
_refine.ls_number_reflns_obs                     2367 
_refine.ls_number_reflns_all                     ? 
_refine.pdbx_ls_sigma_I                          ? 
_refine.pdbx_ls_sigma_F                          2. 
_refine.pdbx_data_cutoff_high_absF               ? 
_refine.pdbx_data_cutoff_low_absF                ? 
_refine.pdbx_data_cutoff_high_rms_absF           ? 
_refine.ls_d_res_low                             6.0 
_refine.ls_d_res_high                            2.6 
_refine.ls_percent_reflns_obs                    ? 
_refine.ls_R_factor_obs                          0.1870000 
_refine.ls_R_factor_all                          ? 
_refine.ls_R_factor_R_work                       0.1870000 
_refine.ls_R_factor_R_free                       ? 
_refine.ls_R_factor_R_free_error                 ? 
_refine.ls_R_factor_R_free_error_details         ? 
_refine.ls_percent_reflns_R_free                 ? 
_refine.ls_number_reflns_R_free                  ? 
_refine.ls_number_parameters                     ? 
_refine.ls_number_restraints                     ? 
_refine.occupancy_min                            ? 
_refine.occupancy_max                            ? 
_refine.B_iso_mean                               44. 
_refine.aniso_B[1][1]                            ? 
_refine.aniso_B[2][2]                            ? 
_refine.aniso_B[3][3]                            ? 
_refine.aniso_B[1][2]                            ? 
_refine.aniso_B[1][3]                            ? 
_refine.aniso_B[2][3]                            ? 
_refine.solvent_model_details                    ? 
_refine.solvent_model_param_ksol                 ? 
_refine.solvent_model_param_bsol                 ? 
_refine.pdbx_ls_cross_valid_method               ? 
_refine.details                                  
;ELECTRON DENSITY FOR THE N-TERMINAL HEPTAD (RESIDUES 1 - 7)
IS COMPARATIVELY WEAK, AND THE MAIN CHAIN B VALUES ARE
ABOVE AVERAGE.  THE N-TERMINAL HEPTAD MAKES RELATIVELY
FEW CRYSTAL CONTACTS AND MAY BE DYNAMICALLY DISORDERED.
;
_refine.pdbx_starting_model                      ? 
_refine.pdbx_method_to_determine_struct          ? 
_refine.pdbx_isotropic_thermal_model             ? 
_refine.pdbx_stereochemistry_target_values       ? 
_refine.pdbx_stereochem_target_val_spec_case     ? 
_refine.pdbx_R_Free_selection_details            ? 
_refine.pdbx_overall_ESU_R                       ? 
_refine.pdbx_overall_ESU_R_Free                  ? 
_refine.overall_SU_ML                            ? 
_refine.overall_SU_B                             ? 
_refine.pdbx_refine_id                           'X-RAY DIFFRACTION' 
_refine.pdbx_diffrn_id                           1 
_refine.pdbx_TLS_residual_ADP_flag               ? 
_refine.correlation_coeff_Fo_to_Fc               ? 
_refine.correlation_coeff_Fo_to_Fc_free          ? 
_refine.pdbx_solvent_vdw_probe_radii             ? 
_refine.pdbx_solvent_ion_probe_radii             ? 
_refine.pdbx_solvent_shrinkage_radii             ? 
_refine.pdbx_overall_phase_error                 ? 
_refine.overall_SU_R_Cruickshank_DPI             ? 
_refine.pdbx_overall_SU_R_free_Cruickshank_DPI   ? 
_refine.pdbx_overall_SU_R_Blow_DPI               ? 
_refine.pdbx_overall_SU_R_free_Blow_DPI          ? 
# 
_refine_hist.pdbx_refine_id                   'X-RAY DIFFRACTION' 
_refine_hist.cycle_id                         LAST 
_refine_hist.pdbx_number_atoms_protein        754 
_refine_hist.pdbx_number_atoms_nucleic_acid   0 
_refine_hist.pdbx_number_atoms_ligand         6 
_refine_hist.number_atoms_solvent             29 
_refine_hist.number_atoms_total               789 
_refine_hist.d_res_high                       2.6 
_refine_hist.d_res_low                        6.0 
# 
loop_
_refine_ls_restr.type 
_refine_ls_restr.dev_ideal 
_refine_ls_restr.dev_ideal_target 
_refine_ls_restr.weight 
_refine_ls_restr.number 
_refine_ls_restr.pdbx_refine_id 
_refine_ls_restr.pdbx_restraint_function 
x_bond_d                0.019 ? ? ? 'X-RAY DIFFRACTION' ? 
x_bond_d_na             ?     ? ? ? 'X-RAY DIFFRACTION' ? 
x_bond_d_prot           ?     ? ? ? 'X-RAY DIFFRACTION' ? 
x_angle_d               ?     ? ? ? 'X-RAY DIFFRACTION' ? 
x_angle_d_na            ?     ? ? ? 'X-RAY DIFFRACTION' ? 
x_angle_d_prot          ?     ? ? ? 'X-RAY DIFFRACTION' ? 
x_angle_deg             3.15  ? ? ? 'X-RAY DIFFRACTION' ? 
x_angle_deg_na          ?     ? ? ? 'X-RAY DIFFRACTION' ? 
x_angle_deg_prot        ?     ? ? ? 'X-RAY DIFFRACTION' ? 
x_dihedral_angle_d      ?     ? ? ? 'X-RAY DIFFRACTION' ? 
x_dihedral_angle_d_na   ?     ? ? ? 'X-RAY DIFFRACTION' ? 
x_dihedral_angle_d_prot ?     ? ? ? 'X-RAY DIFFRACTION' ? 
x_improper_angle_d      ?     ? ? ? 'X-RAY DIFFRACTION' ? 
x_improper_angle_d_na   ?     ? ? ? 'X-RAY DIFFRACTION' ? 
x_improper_angle_d_prot ?     ? ? ? 'X-RAY DIFFRACTION' ? 
x_mcbond_it             ?     ? ? ? 'X-RAY DIFFRACTION' ? 
x_mcangle_it            ?     ? ? ? 'X-RAY DIFFRACTION' ? 
x_scbond_it             ?     ? ? ? 'X-RAY DIFFRACTION' ? 
x_scangle_it            ?     ? ? ? 'X-RAY DIFFRACTION' ? 
# 
_struct.entry_id                  1SWI 
_struct.title                     'GCN4-LEUCINE ZIPPER CORE MUTANT AS N16A COMPLEXED WITH BENZENE' 
_struct.pdbx_model_details        ? 
_struct.pdbx_CASP_flag            ? 
_struct.pdbx_model_type_details   ? 
# 
_struct_keywords.entry_id        1SWI 
_struct_keywords.pdbx_keywords   'LEUCINE ZIPPER' 
_struct_keywords.text            'COILED COIL, LEUCINE ZIPPER' 
# 
loop_
_struct_asym.id 
_struct_asym.pdbx_blank_PDB_chainid_flag 
_struct_asym.pdbx_modified 
_struct_asym.entity_id 
_struct_asym.details 
A N N 1 ? 
B N N 1 ? 
C N N 1 ? 
D N N 2 ? 
E N N 3 ? 
F N N 3 ? 
G N N 3 ? 
# 
_struct_ref.id                         1 
_struct_ref.db_name                    UNP 
_struct_ref.db_code                    GCN4_YEAST 
_struct_ref.pdbx_db_accession          P03069 
_struct_ref.entity_id                  1 
_struct_ref.pdbx_align_begin           249 
_struct_ref.pdbx_db_isoform            ? 
_struct_ref.pdbx_seq_one_letter_code   ? 
# 
loop_
_struct_ref_seq.align_id 
_struct_ref_seq.ref_id 
_struct_ref_seq.pdbx_PDB_id_code 
_struct_ref_seq.pdbx_strand_id 
_struct_ref_seq.seq_align_beg 
_struct_ref_seq.pdbx_seq_align_beg_ins_code 
_struct_ref_seq.seq_align_end 
_struct_ref_seq.pdbx_seq_align_end_ins_code 
_struct_ref_seq.pdbx_db_accession 
_struct_ref_seq.db_align_beg 
_struct_ref_seq.pdbx_db_align_beg_ins_code 
_struct_ref_seq.db_align_end 
_struct_ref_seq.pdbx_db_align_end_ins_code 
_struct_ref_seq.pdbx_auth_seq_align_beg 
_struct_ref_seq.pdbx_auth_seq_align_end 
1 1 1SWI A 1 ? 33 ? P03069 249 ? 281 ? 1 33 
2 1 1SWI B 1 ? 33 ? P03069 249 ? 281 ? 1 33 
3 1 1SWI C 1 ? 33 ? P03069 249 ? 281 ? 1 33 
# 
loop_
_struct_ref_seq_dif.align_id 
_struct_ref_seq_dif.pdbx_pdb_id_code 
_struct_ref_seq_dif.mon_id 
_struct_ref_seq_dif.pdbx_pdb_strand_id 
_struct_ref_seq_dif.seq_num 
_struct_ref_seq_dif.pdbx_pdb_ins_code 
_struct_ref_seq_dif.pdbx_seq_db_name 
_struct_ref_seq_dif.pdbx_seq_db_accession_code 
_struct_ref_seq_dif.db_mon_id 
_struct_ref_seq_dif.pdbx_seq_db_seq_num 
_struct_ref_seq_dif.details 
_struct_ref_seq_dif.pdbx_auth_seq_num 
_struct_ref_seq_dif.pdbx_ordinal 
1 1SWI ALA A 16 ? UNP P03069 ASN 264 'engineered mutation' 16 1 
2 1SWI ALA B 16 ? UNP P03069 ASN 264 'engineered mutation' 16 2 
3 1SWI ALA C 16 ? UNP P03069 ASN 264 'engineered mutation' 16 3 
# 
_pdbx_struct_assembly.id                   1 
_pdbx_struct_assembly.details              author_and_software_defined_assembly 
_pdbx_struct_assembly.method_details       PISA 
_pdbx_struct_assembly.oligomeric_details   trimeric 
_pdbx_struct_assembly.oligomeric_count     3 
# 
loop_
_pdbx_struct_assembly_prop.biol_id 
_pdbx_struct_assembly_prop.type 
_pdbx_struct_assembly_prop.value 
_pdbx_struct_assembly_prop.details 
1 'ABSA (A^2)' 3820 ? 
1 MORE         -34  ? 
1 'SSA (A^2)'  6330 ? 
# 
_pdbx_struct_assembly_gen.assembly_id       1 
_pdbx_struct_assembly_gen.oper_expression   1 
_pdbx_struct_assembly_gen.asym_id_list      A,B,C,D,E,F,G 
# 
_pdbx_struct_oper_list.id                   1 
_pdbx_struct_oper_list.type                 'identity operation' 
_pdbx_struct_oper_list.name                 1_555 
_pdbx_struct_oper_list.symmetry_operation   x,y,z 
_pdbx_struct_oper_list.matrix[1][1]         1.0000000000 
_pdbx_struct_oper_list.matrix[1][2]         0.0000000000 
_pdbx_struct_oper_list.matrix[1][3]         0.0000000000 
_pdbx_struct_oper_list.vector[1]            0.0000000000 
_pdbx_struct_oper_list.matrix[2][1]         0.0000000000 
_pdbx_struct_oper_list.matrix[2][2]         1.0000000000 
_pdbx_struct_oper_list.matrix[2][3]         0.0000000000 
_pdbx_struct_oper_list.vector[2]            0.0000000000 
_pdbx_struct_oper_list.matrix[3][1]         0.0000000000 
_pdbx_struct_oper_list.matrix[3][2]         0.0000000000 
_pdbx_struct_oper_list.matrix[3][3]         1.0000000000 
_pdbx_struct_oper_list.vector[3]            0.0000000000 
# 
_struct_biol.id   1 
# 
loop_
_struct_conf.conf_type_id 
_struct_conf.id 
_struct_conf.pdbx_PDB_helix_id 
_struct_conf.beg_label_comp_id 
_struct_conf.beg_label_asym_id 
_struct_conf.beg_label_seq_id 
_struct_conf.pdbx_beg_PDB_ins_code 
_struct_conf.end_label_comp_id 
_struct_conf.end_label_asym_id 
_struct_conf.end_label_seq_id 
_struct_conf.pdbx_end_PDB_ins_code 
_struct_conf.beg_auth_comp_id 
_struct_conf.beg_auth_asym_id 
_struct_conf.beg_auth_seq_id 
_struct_conf.end_auth_comp_id 
_struct_conf.end_auth_asym_id 
_struct_conf.end_auth_seq_id 
_struct_conf.pdbx_PDB_helix_class 
_struct_conf.details 
_struct_conf.pdbx_PDB_helix_length 
HELX_P HELX_P1 A1 ARG A 1 ? VAL A 30 ? ARG A 1 VAL A 30 1 ? 30 
HELX_P HELX_P2 B1 ARG B 1 ? VAL B 30 ? ARG B 1 VAL B 30 1 ? 30 
HELX_P HELX_P3 C1 ARG C 1 ? VAL C 30 ? ARG C 1 VAL C 30 1 ? 30 
# 
_struct_conf_type.id          HELX_P 
_struct_conf_type.criteria    ? 
_struct_conf_type.reference   ? 
# 
_struct_site.id                   AC1 
_struct_site.pdbx_evidence_code   Software 
_struct_site.pdbx_auth_asym_id    B 
_struct_site.pdbx_auth_comp_id    BNZ 
_struct_site.pdbx_auth_seq_id     100 
_struct_site.pdbx_auth_ins_code   ? 
_struct_site.pdbx_num_residues    4 
_struct_site.details              'BINDING SITE FOR RESIDUE BNZ B 100' 
# 
loop_
_struct_site_gen.id 
_struct_site_gen.site_id 
_struct_site_gen.pdbx_num_res 
_struct_site_gen.label_comp_id 
_struct_site_gen.label_asym_id 
_struct_site_gen.label_seq_id 
_struct_site_gen.pdbx_auth_ins_code 
_struct_site_gen.auth_comp_id 
_struct_site_gen.auth_asym_id 
_struct_site_gen.auth_seq_id 
_struct_site_gen.label_atom_id 
_struct_site_gen.label_alt_id 
_struct_site_gen.symmetry 
_struct_site_gen.details 
1 AC1 4 LEU A 12 ? LEU A 12 . ? 1_555 ? 
2 AC1 4 ALA B 16 ? ALA B 16 . ? 1_555 ? 
3 AC1 4 LEU C 12 ? LEU C 12 . ? 1_555 ? 
4 AC1 4 ALA C 16 ? ALA C 16 . ? 1_555 ? 
# 
loop_
_pdbx_validate_rmsd_bond.id 
_pdbx_validate_rmsd_bond.PDB_model_num 
_pdbx_validate_rmsd_bond.auth_atom_id_1 
_pdbx_validate_rmsd_bond.auth_asym_id_1 
_pdbx_validate_rmsd_bond.auth_comp_id_1 
_pdbx_validate_rmsd_bond.auth_seq_id_1 
_pdbx_validate_rmsd_bond.PDB_ins_code_1 
_pdbx_validate_rmsd_bond.label_alt_id_1 
_pdbx_validate_rmsd_bond.auth_atom_id_2 
_pdbx_validate_rmsd_bond.auth_asym_id_2 
_pdbx_validate_rmsd_bond.auth_comp_id_2 
_pdbx_validate_rmsd_bond.auth_seq_id_2 
_pdbx_validate_rmsd_bond.PDB_ins_code_2 
_pdbx_validate_rmsd_bond.label_alt_id_2 
_pdbx_validate_rmsd_bond.bond_value 
_pdbx_validate_rmsd_bond.bond_target_value 
_pdbx_validate_rmsd_bond.bond_deviation 
_pdbx_validate_rmsd_bond.bond_standard_deviation 
_pdbx_validate_rmsd_bond.linker_flag 
1 1 CD A GLU 11 ? ? OE1 A GLU 11 ? ? 1.319 1.252 0.067 0.011 N 
2 1 CD A GLU 20 ? ? OE2 A GLU 20 ? ? 1.351 1.252 0.099 0.011 N 
3 1 CD B GLU 11 ? ? OE2 B GLU 11 ? ? 1.325 1.252 0.073 0.011 N 
4 1 CD B GLU 20 ? ? OE1 B GLU 20 ? ? 1.320 1.252 0.068 0.011 N 
5 1 CD C GLU 10 ? ? OE2 C GLU 10 ? ? 1.318 1.252 0.066 0.011 N 
6 1 CD C GLU 20 ? ? OE2 C GLU 20 ? ? 1.353 1.252 0.101 0.011 N 
# 
loop_
_pdbx_validate_rmsd_angle.id 
_pdbx_validate_rmsd_angle.PDB_model_num 
_pdbx_validate_rmsd_angle.auth_atom_id_1 
_pdbx_validate_rmsd_angle.auth_asym_id_1 
_pdbx_validate_rmsd_angle.auth_comp_id_1 
_pdbx_validate_rmsd_angle.auth_seq_id_1 
_pdbx_validate_rmsd_angle.PDB_ins_code_1 
_pdbx_validate_rmsd_angle.label_alt_id_1 
_pdbx_validate_rmsd_angle.auth_atom_id_2 
_pdbx_validate_rmsd_angle.auth_asym_id_2 
_pdbx_validate_rmsd_angle.auth_comp_id_2 
_pdbx_validate_rmsd_angle.auth_seq_id_2 
_pdbx_validate_rmsd_angle.PDB_ins_code_2 
_pdbx_validate_rmsd_angle.label_alt_id_2 
_pdbx_validate_rmsd_angle.auth_atom_id_3 
_pdbx_validate_rmsd_angle.auth_asym_id_3 
_pdbx_validate_rmsd_angle.auth_comp_id_3 
_pdbx_validate_rmsd_angle.auth_seq_id_3 
_pdbx_validate_rmsd_angle.PDB_ins_code_3 
_pdbx_validate_rmsd_angle.label_alt_id_3 
_pdbx_validate_rmsd_angle.angle_value 
_pdbx_validate_rmsd_angle.angle_target_value 
_pdbx_validate_rmsd_angle.angle_deviation 
_pdbx_validate_rmsd_angle.angle_standard_deviation 
_pdbx_validate_rmsd_angle.linker_flag 
1  1 NE A ARG 1  ? ? CZ A ARG 1  ? ? NH1 A ARG 1  ? ? 125.31 120.30 5.01  0.50 N 
2  1 NE A ARG 1  ? ? CZ A ARG 1  ? ? NH2 A ARG 1  ? ? 116.86 120.30 -3.44 0.50 N 
3  1 N  A MET 2  ? ? CA A MET 2  ? ? CB  A MET 2  ? ? 123.03 110.60 12.43 1.80 N 
4  1 CB A ASP 7  ? ? CG A ASP 7  ? ? OD1 A ASP 7  ? ? 126.98 118.30 8.68  0.90 N 
5  1 CB A ASP 7  ? ? CG A ASP 7  ? ? OD2 A ASP 7  ? ? 111.54 118.30 -6.76 0.90 N 
6  1 NE B ARG 1  ? ? CZ B ARG 1  ? ? NH1 B ARG 1  ? ? 123.97 120.30 3.67  0.50 N 
7  1 CB B ASP 7  ? ? CG B ASP 7  ? ? OD1 B ASP 7  ? ? 124.83 118.30 6.53  0.90 N 
8  1 CB B ASP 7  ? ? CG B ASP 7  ? ? OD2 B ASP 7  ? ? 111.73 118.30 -6.57 0.90 N 
9  1 NE B ARG 25 ? ? CZ B ARG 25 ? ? NH1 B ARG 25 ? ? 126.45 120.30 6.15  0.50 N 
10 1 NE B ARG 25 ? ? CZ B ARG 25 ? ? NH2 B ARG 25 ? ? 116.97 120.30 -3.33 0.50 N 
# 
loop_
_pdbx_validate_torsion.id 
_pdbx_validate_torsion.PDB_model_num 
_pdbx_validate_torsion.auth_comp_id 
_pdbx_validate_torsion.auth_asym_id 
_pdbx_validate_torsion.auth_seq_id 
_pdbx_validate_torsion.PDB_ins_code 
_pdbx_validate_torsion.label_alt_id 
_pdbx_validate_torsion.phi 
_pdbx_validate_torsion.psi 
1 1 HIS A 18 ? ? -29.56  -70.57 
2 1 VAL A 30 ? ? -152.61 4.44   
3 1 ASN B 21 ? ? -53.37  -70.26 
4 1 GLU B 22 ? ? -21.31  -45.54 
5 1 LEU B 29 ? ? -70.27  24.97  
6 1 VAL C 9  ? ? -47.52  -18.13 
7 1 GLU C 22 ? ? -131.94 -41.05 
8 1 LEU C 26 ? ? -31.86  -72.61 
# 
_pdbx_validate_chiral.id              1 
_pdbx_validate_chiral.PDB_model_num   1 
_pdbx_validate_chiral.auth_atom_id    CA 
_pdbx_validate_chiral.label_alt_id    ? 
_pdbx_validate_chiral.auth_asym_id    A 
_pdbx_validate_chiral.auth_comp_id    MET 
_pdbx_validate_chiral.auth_seq_id     2 
_pdbx_validate_chiral.PDB_ins_code    ? 
_pdbx_validate_chiral.details         PLANAR 
_pdbx_validate_chiral.omega           . 
# 
loop_
_pdbx_unobs_or_zero_occ_residues.id 
_pdbx_unobs_or_zero_occ_residues.PDB_model_num 
_pdbx_unobs_or_zero_occ_residues.polymer_flag 
_pdbx_unobs_or_zero_occ_residues.occupancy_flag 
_pdbx_unobs_or_zero_occ_residues.auth_asym_id 
_pdbx_unobs_or_zero_occ_residues.auth_comp_id 
_pdbx_unobs_or_zero_occ_residues.auth_seq_id 
_pdbx_unobs_or_zero_occ_residues.PDB_ins_code 
_pdbx_unobs_or_zero_occ_residues.label_asym_id 
_pdbx_unobs_or_zero_occ_residues.label_comp_id 
_pdbx_unobs_or_zero_occ_residues.label_seq_id 
1 1 Y 1 A GLU 32 ? A GLU 32 
2 1 Y 1 A ARG 33 ? A ARG 33 
3 1 Y 1 B GLY 31 ? B GLY 31 
4 1 Y 1 B GLU 32 ? B GLU 32 
5 1 Y 1 B ARG 33 ? B ARG 33 
6 1 Y 1 C GLY 31 ? C GLY 31 
7 1 Y 1 C GLU 32 ? C GLU 32 
8 1 Y 1 C ARG 33 ? C ARG 33 
# 
loop_
_chem_comp_atom.comp_id 
_chem_comp_atom.atom_id 
_chem_comp_atom.type_symbol 
_chem_comp_atom.pdbx_aromatic_flag 
_chem_comp_atom.pdbx_stereo_config 
_chem_comp_atom.pdbx_ordinal 
ALA N    N N N 1   
ALA CA   C N S 2   
ALA C    C N N 3   
ALA O    O N N 4   
ALA CB   C N N 5   
ALA OXT  O N N 6   
ALA H    H N N 7   
ALA H2   H N N 8   
ALA HA   H N N 9   
ALA HB1  H N N 10  
ALA HB2  H N N 11  
ALA HB3  H N N 12  
ALA HXT  H N N 13  
ARG N    N N N 14  
ARG CA   C N S 15  
ARG C    C N N 16  
ARG O    O N N 17  
ARG CB   C N N 18  
ARG CG   C N N 19  
ARG CD   C N N 20  
ARG NE   N N N 21  
ARG CZ   C N N 22  
ARG NH1  N N N 23  
ARG NH2  N N N 24  
ARG OXT  O N N 25  
ARG H    H N N 26  
ARG H2   H N N 27  
ARG HA   H N N 28  
ARG HB2  H N N 29  
ARG HB3  H N N 30  
ARG HG2  H N N 31  
ARG HG3  H N N 32  
ARG HD2  H N N 33  
ARG HD3  H N N 34  
ARG HE   H N N 35  
ARG HH11 H N N 36  
ARG HH12 H N N 37  
ARG HH21 H N N 38  
ARG HH22 H N N 39  
ARG HXT  H N N 40  
ASN N    N N N 41  
ASN CA   C N S 42  
ASN C    C N N 43  
ASN O    O N N 44  
ASN CB   C N N 45  
ASN CG   C N N 46  
ASN OD1  O N N 47  
ASN ND2  N N N 48  
ASN OXT  O N N 49  
ASN H    H N N 50  
ASN H2   H N N 51  
ASN HA   H N N 52  
ASN HB2  H N N 53  
ASN HB3  H N N 54  
ASN HD21 H N N 55  
ASN HD22 H N N 56  
ASN HXT  H N N 57  
ASP N    N N N 58  
ASP CA   C N S 59  
ASP C    C N N 60  
ASP O    O N N 61  
ASP CB   C N N 62  
ASP CG   C N N 63  
ASP OD1  O N N 64  
ASP OD2  O N N 65  
ASP OXT  O N N 66  
ASP H    H N N 67  
ASP H2   H N N 68  
ASP HA   H N N 69  
ASP HB2  H N N 70  
ASP HB3  H N N 71  
ASP HD2  H N N 72  
ASP HXT  H N N 73  
BNZ C1   C Y N 74  
BNZ C2   C Y N 75  
BNZ C3   C Y N 76  
BNZ C4   C Y N 77  
BNZ C5   C Y N 78  
BNZ C6   C Y N 79  
BNZ H1   H N N 80  
BNZ H2   H N N 81  
BNZ H3   H N N 82  
BNZ H4   H N N 83  
BNZ H5   H N N 84  
BNZ H6   H N N 85  
GLN N    N N N 86  
GLN CA   C N S 87  
GLN C    C N N 88  
GLN O    O N N 89  
GLN CB   C N N 90  
GLN CG   C N N 91  
GLN CD   C N N 92  
GLN OE1  O N N 93  
GLN NE2  N N N 94  
GLN OXT  O N N 95  
GLN H    H N N 96  
GLN H2   H N N 97  
GLN HA   H N N 98  
GLN HB2  H N N 99  
GLN HB3  H N N 100 
GLN HG2  H N N 101 
GLN HG3  H N N 102 
GLN HE21 H N N 103 
GLN HE22 H N N 104 
GLN HXT  H N N 105 
GLU N    N N N 106 
GLU CA   C N S 107 
GLU C    C N N 108 
GLU O    O N N 109 
GLU CB   C N N 110 
GLU CG   C N N 111 
GLU CD   C N N 112 
GLU OE1  O N N 113 
GLU OE2  O N N 114 
GLU OXT  O N N 115 
GLU H    H N N 116 
GLU H2   H N N 117 
GLU HA   H N N 118 
GLU HB2  H N N 119 
GLU HB3  H N N 120 
GLU HG2  H N N 121 
GLU HG3  H N N 122 
GLU HE2  H N N 123 
GLU HXT  H N N 124 
GLY N    N N N 125 
GLY CA   C N N 126 
GLY C    C N N 127 
GLY O    O N N 128 
GLY OXT  O N N 129 
GLY H    H N N 130 
GLY H2   H N N 131 
GLY HA2  H N N 132 
GLY HA3  H N N 133 
GLY HXT  H N N 134 
HIS N    N N N 135 
HIS CA   C N S 136 
HIS C    C N N 137 
HIS O    O N N 138 
HIS CB   C N N 139 
HIS CG   C Y N 140 
HIS ND1  N Y N 141 
HIS CD2  C Y N 142 
HIS CE1  C Y N 143 
HIS NE2  N Y N 144 
HIS OXT  O N N 145 
HIS H    H N N 146 
HIS H2   H N N 147 
HIS HA   H N N 148 
HIS HB2  H N N 149 
HIS HB3  H N N 150 
HIS HD1  H N N 151 
HIS HD2  H N N 152 
HIS HE1  H N N 153 
HIS HE2  H N N 154 
HIS HXT  H N N 155 
HOH O    O N N 156 
HOH H1   H N N 157 
HOH H2   H N N 158 
LEU N    N N N 159 
LEU CA   C N S 160 
LEU C    C N N 161 
LEU O    O N N 162 
LEU CB   C N N 163 
LEU CG   C N N 164 
LEU CD1  C N N 165 
LEU CD2  C N N 166 
LEU OXT  O N N 167 
LEU H    H N N 168 
LEU H2   H N N 169 
LEU HA   H N N 170 
LEU HB2  H N N 171 
LEU HB3  H N N 172 
LEU HG   H N N 173 
LEU HD11 H N N 174 
LEU HD12 H N N 175 
LEU HD13 H N N 176 
LEU HD21 H N N 177 
LEU HD22 H N N 178 
LEU HD23 H N N 179 
LEU HXT  H N N 180 
LYS N    N N N 181 
LYS CA   C N S 182 
LYS C    C N N 183 
LYS O    O N N 184 
LYS CB   C N N 185 
LYS CG   C N N 186 
LYS CD   C N N 187 
LYS CE   C N N 188 
LYS NZ   N N N 189 
LYS OXT  O N N 190 
LYS H    H N N 191 
LYS H2   H N N 192 
LYS HA   H N N 193 
LYS HB2  H N N 194 
LYS HB3  H N N 195 
LYS HG2  H N N 196 
LYS HG3  H N N 197 
LYS HD2  H N N 198 
LYS HD3  H N N 199 
LYS HE2  H N N 200 
LYS HE3  H N N 201 
LYS HZ1  H N N 202 
LYS HZ2  H N N 203 
LYS HZ3  H N N 204 
LYS HXT  H N N 205 
MET N    N N N 206 
MET CA   C N S 207 
MET C    C N N 208 
MET O    O N N 209 
MET CB   C N N 210 
MET CG   C N N 211 
MET SD   S N N 212 
MET CE   C N N 213 
MET OXT  O N N 214 
MET H    H N N 215 
MET H2   H N N 216 
MET HA   H N N 217 
MET HB2  H N N 218 
MET HB3  H N N 219 
MET HG2  H N N 220 
MET HG3  H N N 221 
MET HE1  H N N 222 
MET HE2  H N N 223 
MET HE3  H N N 224 
MET HXT  H N N 225 
SER N    N N N 226 
SER CA   C N S 227 
SER C    C N N 228 
SER O    O N N 229 
SER CB   C N N 230 
SER OG   O N N 231 
SER OXT  O N N 232 
SER H    H N N 233 
SER H2   H N N 234 
SER HA   H N N 235 
SER HB2  H N N 236 
SER HB3  H N N 237 
SER HG   H N N 238 
SER HXT  H N N 239 
TYR N    N N N 240 
TYR CA   C N S 241 
TYR C    C N N 242 
TYR O    O N N 243 
TYR CB   C N N 244 
TYR CG   C Y N 245 
TYR CD1  C Y N 246 
TYR CD2  C Y N 247 
TYR CE1  C Y N 248 
TYR CE2  C Y N 249 
TYR CZ   C Y N 250 
TYR OH   O N N 251 
TYR OXT  O N N 252 
TYR H    H N N 253 
TYR H2   H N N 254 
TYR HA   H N N 255 
TYR HB2  H N N 256 
TYR HB3  H N N 257 
TYR HD1  H N N 258 
TYR HD2  H N N 259 
TYR HE1  H N N 260 
TYR HE2  H N N 261 
TYR HH   H N N 262 
TYR HXT  H N N 263 
VAL N    N N N 264 
VAL CA   C N S 265 
VAL C    C N N 266 
VAL O    O N N 267 
VAL CB   C N N 268 
VAL CG1  C N N 269 
VAL CG2  C N N 270 
VAL OXT  O N N 271 
VAL H    H N N 272 
VAL H2   H N N 273 
VAL HA   H N N 274 
VAL HB   H N N 275 
VAL HG11 H N N 276 
VAL HG12 H N N 277 
VAL HG13 H N N 278 
VAL HG21 H N N 279 
VAL HG22 H N N 280 
VAL HG23 H N N 281 
VAL HXT  H N N 282 
# 
loop_
_chem_comp_bond.comp_id 
_chem_comp_bond.atom_id_1 
_chem_comp_bond.atom_id_2 
_chem_comp_bond.value_order 
_chem_comp_bond.pdbx_aromatic_flag 
_chem_comp_bond.pdbx_stereo_config 
_chem_comp_bond.pdbx_ordinal 
ALA N   CA   sing N N 1   
ALA N   H    sing N N 2   
ALA N   H2   sing N N 3   
ALA CA  C    sing N N 4   
ALA CA  CB   sing N N 5   
ALA CA  HA   sing N N 6   
ALA C   O    doub N N 7   
ALA C   OXT  sing N N 8   
ALA CB  HB1  sing N N 9   
ALA CB  HB2  sing N N 10  
ALA CB  HB3  sing N N 11  
ALA OXT HXT  sing N N 12  
ARG N   CA   sing N N 13  
ARG N   H    sing N N 14  
ARG N   H2   sing N N 15  
ARG CA  C    sing N N 16  
ARG CA  CB   sing N N 17  
ARG CA  HA   sing N N 18  
ARG C   O    doub N N 19  
ARG C   OXT  sing N N 20  
ARG CB  CG   sing N N 21  
ARG CB  HB2  sing N N 22  
ARG CB  HB3  sing N N 23  
ARG CG  CD   sing N N 24  
ARG CG  HG2  sing N N 25  
ARG CG  HG3  sing N N 26  
ARG CD  NE   sing N N 27  
ARG CD  HD2  sing N N 28  
ARG CD  HD3  sing N N 29  
ARG NE  CZ   sing N N 30  
ARG NE  HE   sing N N 31  
ARG CZ  NH1  sing N N 32  
ARG CZ  NH2  doub N N 33  
ARG NH1 HH11 sing N N 34  
ARG NH1 HH12 sing N N 35  
ARG NH2 HH21 sing N N 36  
ARG NH2 HH22 sing N N 37  
ARG OXT HXT  sing N N 38  
ASN N   CA   sing N N 39  
ASN N   H    sing N N 40  
ASN N   H2   sing N N 41  
ASN CA  C    sing N N 42  
ASN CA  CB   sing N N 43  
ASN CA  HA   sing N N 44  
ASN C   O    doub N N 45  
ASN C   OXT  sing N N 46  
ASN CB  CG   sing N N 47  
ASN CB  HB2  sing N N 48  
ASN CB  HB3  sing N N 49  
ASN CG  OD1  doub N N 50  
ASN CG  ND2  sing N N 51  
ASN ND2 HD21 sing N N 52  
ASN ND2 HD22 sing N N 53  
ASN OXT HXT  sing N N 54  
ASP N   CA   sing N N 55  
ASP N   H    sing N N 56  
ASP N   H2   sing N N 57  
ASP CA  C    sing N N 58  
ASP CA  CB   sing N N 59  
ASP CA  HA   sing N N 60  
ASP C   O    doub N N 61  
ASP C   OXT  sing N N 62  
ASP CB  CG   sing N N 63  
ASP CB  HB2  sing N N 64  
ASP CB  HB3  sing N N 65  
ASP CG  OD1  doub N N 66  
ASP CG  OD2  sing N N 67  
ASP OD2 HD2  sing N N 68  
ASP OXT HXT  sing N N 69  
BNZ C1  C2   doub Y N 70  
BNZ C1  C6   sing Y N 71  
BNZ C1  H1   sing N N 72  
BNZ C2  C3   sing Y N 73  
BNZ C2  H2   sing N N 74  
BNZ C3  C4   doub Y N 75  
BNZ C3  H3   sing N N 76  
BNZ C4  C5   sing Y N 77  
BNZ C4  H4   sing N N 78  
BNZ C5  C6   doub Y N 79  
BNZ C5  H5   sing N N 80  
BNZ C6  H6   sing N N 81  
GLN N   CA   sing N N 82  
GLN N   H    sing N N 83  
GLN N   H2   sing N N 84  
GLN CA  C    sing N N 85  
GLN CA  CB   sing N N 86  
GLN CA  HA   sing N N 87  
GLN C   O    doub N N 88  
GLN C   OXT  sing N N 89  
GLN CB  CG   sing N N 90  
GLN CB  HB2  sing N N 91  
GLN CB  HB3  sing N N 92  
GLN CG  CD   sing N N 93  
GLN CG  HG2  sing N N 94  
GLN CG  HG3  sing N N 95  
GLN CD  OE1  doub N N 96  
GLN CD  NE2  sing N N 97  
GLN NE2 HE21 sing N N 98  
GLN NE2 HE22 sing N N 99  
GLN OXT HXT  sing N N 100 
GLU N   CA   sing N N 101 
GLU N   H    sing N N 102 
GLU N   H2   sing N N 103 
GLU CA  C    sing N N 104 
GLU CA  CB   sing N N 105 
GLU CA  HA   sing N N 106 
GLU C   O    doub N N 107 
GLU C   OXT  sing N N 108 
GLU CB  CG   sing N N 109 
GLU CB  HB2  sing N N 110 
GLU CB  HB3  sing N N 111 
GLU CG  CD   sing N N 112 
GLU CG  HG2  sing N N 113 
GLU CG  HG3  sing N N 114 
GLU CD  OE1  doub N N 115 
GLU CD  OE2  sing N N 116 
GLU OE2 HE2  sing N N 117 
GLU OXT HXT  sing N N 118 
GLY N   CA   sing N N 119 
GLY N   H    sing N N 120 
GLY N   H2   sing N N 121 
GLY CA  C    sing N N 122 
GLY CA  HA2  sing N N 123 
GLY CA  HA3  sing N N 124 
GLY C   O    doub N N 125 
GLY C   OXT  sing N N 126 
GLY OXT HXT  sing N N 127 
HIS N   CA   sing N N 128 
HIS N   H    sing N N 129 
HIS N   H2   sing N N 130 
HIS CA  C    sing N N 131 
HIS CA  CB   sing N N 132 
HIS CA  HA   sing N N 133 
HIS C   O    doub N N 134 
HIS C   OXT  sing N N 135 
HIS CB  CG   sing N N 136 
HIS CB  HB2  sing N N 137 
HIS CB  HB3  sing N N 138 
HIS CG  ND1  sing Y N 139 
HIS CG  CD2  doub Y N 140 
HIS ND1 CE1  doub Y N 141 
HIS ND1 HD1  sing N N 142 
HIS CD2 NE2  sing Y N 143 
HIS CD2 HD2  sing N N 144 
HIS CE1 NE2  sing Y N 145 
HIS CE1 HE1  sing N N 146 
HIS NE2 HE2  sing N N 147 
HIS OXT HXT  sing N N 148 
HOH O   H1   sing N N 149 
HOH O   H2   sing N N 150 
LEU N   CA   sing N N 151 
LEU N   H    sing N N 152 
LEU N   H2   sing N N 153 
LEU CA  C    sing N N 154 
LEU CA  CB   sing N N 155 
LEU CA  HA   sing N N 156 
LEU C   O    doub N N 157 
LEU C   OXT  sing N N 158 
LEU CB  CG   sing N N 159 
LEU CB  HB2  sing N N 160 
LEU CB  HB3  sing N N 161 
LEU CG  CD1  sing N N 162 
LEU CG  CD2  sing N N 163 
LEU CG  HG   sing N N 164 
LEU CD1 HD11 sing N N 165 
LEU CD1 HD12 sing N N 166 
LEU CD1 HD13 sing N N 167 
LEU CD2 HD21 sing N N 168 
LEU CD2 HD22 sing N N 169 
LEU CD2 HD23 sing N N 170 
LEU OXT HXT  sing N N 171 
LYS N   CA   sing N N 172 
LYS N   H    sing N N 173 
LYS N   H2   sing N N 174 
LYS CA  C    sing N N 175 
LYS CA  CB   sing N N 176 
LYS CA  HA   sing N N 177 
LYS C   O    doub N N 178 
LYS C   OXT  sing N N 179 
LYS CB  CG   sing N N 180 
LYS CB  HB2  sing N N 181 
LYS CB  HB3  sing N N 182 
LYS CG  CD   sing N N 183 
LYS CG  HG2  sing N N 184 
LYS CG  HG3  sing N N 185 
LYS CD  CE   sing N N 186 
LYS CD  HD2  sing N N 187 
LYS CD  HD3  sing N N 188 
LYS CE  NZ   sing N N 189 
LYS CE  HE2  sing N N 190 
LYS CE  HE3  sing N N 191 
LYS NZ  HZ1  sing N N 192 
LYS NZ  HZ2  sing N N 193 
LYS NZ  HZ3  sing N N 194 
LYS OXT HXT  sing N N 195 
MET N   CA   sing N N 196 
MET N   H    sing N N 197 
MET N   H2   sing N N 198 
MET CA  C    sing N N 199 
MET CA  CB   sing N N 200 
MET CA  HA   sing N N 201 
MET C   O    doub N N 202 
MET C   OXT  sing N N 203 
MET CB  CG   sing N N 204 
MET CB  HB2  sing N N 205 
MET CB  HB3  sing N N 206 
MET CG  SD   sing N N 207 
MET CG  HG2  sing N N 208 
MET CG  HG3  sing N N 209 
MET SD  CE   sing N N 210 
MET CE  HE1  sing N N 211 
MET CE  HE2  sing N N 212 
MET CE  HE3  sing N N 213 
MET OXT HXT  sing N N 214 
SER N   CA   sing N N 215 
SER N   H    sing N N 216 
SER N   H2   sing N N 217 
SER CA  C    sing N N 218 
SER CA  CB   sing N N 219 
SER CA  HA   sing N N 220 
SER C   O    doub N N 221 
SER C   OXT  sing N N 222 
SER CB  OG   sing N N 223 
SER CB  HB2  sing N N 224 
SER CB  HB3  sing N N 225 
SER OG  HG   sing N N 226 
SER OXT HXT  sing N N 227 
TYR N   CA   sing N N 228 
TYR N   H    sing N N 229 
TYR N   H2   sing N N 230 
TYR CA  C    sing N N 231 
TYR CA  CB   sing N N 232 
TYR CA  HA   sing N N 233 
TYR C   O    doub N N 234 
TYR C   OXT  sing N N 235 
TYR CB  CG   sing N N 236 
TYR CB  HB2  sing N N 237 
TYR CB  HB3  sing N N 238 
TYR CG  CD1  doub Y N 239 
TYR CG  CD2  sing Y N 240 
TYR CD1 CE1  sing Y N 241 
TYR CD1 HD1  sing N N 242 
TYR CD2 CE2  doub Y N 243 
TYR CD2 HD2  sing N N 244 
TYR CE1 CZ   doub Y N 245 
TYR CE1 HE1  sing N N 246 
TYR CE2 CZ   sing Y N 247 
TYR CE2 HE2  sing N N 248 
TYR CZ  OH   sing N N 249 
TYR OH  HH   sing N N 250 
TYR OXT HXT  sing N N 251 
VAL N   CA   sing N N 252 
VAL N   H    sing N N 253 
VAL N   H2   sing N N 254 
VAL CA  C    sing N N 255 
VAL CA  CB   sing N N 256 
VAL CA  HA   sing N N 257 
VAL C   O    doub N N 258 
VAL C   OXT  sing N N 259 
VAL CB  CG1  sing N N 260 
VAL CB  CG2  sing N N 261 
VAL CB  HB   sing N N 262 
VAL CG1 HG11 sing N N 263 
VAL CG1 HG12 sing N N 264 
VAL CG1 HG13 sing N N 265 
VAL CG2 HG21 sing N N 266 
VAL CG2 HG22 sing N N 267 
VAL CG2 HG23 sing N N 268 
VAL OXT HXT  sing N N 269 
# 
_atom_sites.entry_id                    1SWI 
_atom_sites.fract_transf_matrix[1][1]   -0.02540761 
_atom_sites.fract_transf_matrix[1][2]   -0.00486476 
_atom_sites.fract_transf_matrix[1][3]   -0.00728006 
_atom_sites.fract_transf_matrix[2][1]   0.00559805 
_atom_sites.fract_transf_matrix[2][2]   -0.01983602 
_atom_sites.fract_transf_matrix[2][3]   -0.00628230 
_atom_sites.fract_transf_matrix[3][1]   -0.00377719 
_atom_sites.fract_transf_matrix[3][2]   -0.00664800 
_atom_sites.fract_transf_matrix[3][3]   0.01762492 
_atom_sites.fract_transf_vector[1]      -0.252803 
_atom_sites.fract_transf_vector[2]      -0.148662 
_atom_sites.fract_transf_vector[3]      0.596813 
# 
loop_
_atom_type.symbol 
C 
N 
O 
S 
# 
loop_
_atom_site.group_PDB 
_atom_site.id 
_atom_site.type_symbol 
_atom_site.label_atom_id 
_atom_site.label_alt_id 
_atom_site.label_comp_id 
_atom_site.label_asym_id 
_atom_site.label_entity_id 
_atom_site.label_seq_id 
_atom_site.pdbx_PDB_ins_code 
_atom_site.Cartn_x 
_atom_site.Cartn_y 
_atom_site.Cartn_z 
_atom_site.occupancy 
_atom_site.B_iso_or_equiv 
_atom_site.pdbx_formal_charge 
_atom_site.auth_seq_id 
_atom_site.auth_comp_id 
_atom_site.auth_asym_id 
_atom_site.auth_atom_id 
_atom_site.pdbx_PDB_model_num 
ATOM   1   N N   . ARG A 1 1  ? -2.152  19.767  13.710  1.00 100.00 ? 1   ARG A N   1 
ATOM   2   C CA  . ARG A 1 1  ? -2.781  18.594  13.114  1.00 100.00 ? 1   ARG A CA  1 
ATOM   3   C C   . ARG A 1 1  ? -2.070  18.082  11.817  1.00 100.00 ? 1   ARG A C   1 
ATOM   4   O O   . ARG A 1 1  ? -2.210  16.907  11.437  1.00 62.76  ? 1   ARG A O   1 
ATOM   5   C CB  . ARG A 1 1  ? -4.320  18.745  13.047  1.00 62.76  ? 1   ARG A CB  1 
ATOM   6   C CG  . ARG A 1 1  ? -5.201  17.557  13.479  1.00 62.76  ? 1   ARG A CG  1 
ATOM   7   C CD  . ARG A 1 1  ? -6.085  17.805  14.701  1.00 62.76  ? 1   ARG A CD  1 
ATOM   8   N NE  . ARG A 1 1  ? -5.482  17.230  15.922  1.00 62.76  ? 1   ARG A NE  1 
ATOM   9   C CZ  . ARG A 1 1  ? -5.442  17.726  17.197  1.00 62.76  ? 1   ARG A CZ  1 
ATOM   10  N NH1 . ARG A 1 1  ? -6.009  18.888  17.603  1.00 62.76  ? 1   ARG A NH1 1 
ATOM   11  N NH2 . ARG A 1 1  ? -4.798  16.993  18.110  1.00 62.76  ? 1   ARG A NH2 1 
ATOM   12  N N   . MET A 1 2  ? -1.256  18.915  11.120  1.00 52.74  ? 2   MET A N   1 
ATOM   13  C CA  . MET A 1 2  ? -0.529  18.377  9.965   1.00 52.74  ? 2   MET A CA  1 
ATOM   14  C C   . MET A 1 2  ? 0.625   17.428  10.302  1.00 52.74  ? 2   MET A C   1 
ATOM   15  O O   . MET A 1 2  ? 0.947   16.530  9.540   1.00 45.59  ? 2   MET A O   1 
ATOM   16  C CB  . MET A 1 2  ? -0.654  18.968  8.539   1.00 45.59  ? 2   MET A CB  1 
ATOM   17  C CG  . MET A 1 2  ? -2.104  19.160  8.118   1.00 45.59  ? 2   MET A CG  1 
ATOM   18  S SD  . MET A 1 2  ? -2.579  20.814  7.468   1.00 45.59  ? 2   MET A SD  1 
ATOM   19  C CE  . MET A 1 2  ? -3.802  21.380  8.697   1.00 45.59  ? 2   MET A CE  1 
ATOM   20  N N   . LYS A 1 3  ? 1.207   17.556  11.514  1.00 27.86  ? 3   LYS A N   1 
ATOM   21  C CA  . LYS A 1 3  ? 2.238   16.615  11.914  1.00 27.86  ? 3   LYS A CA  1 
ATOM   22  C C   . LYS A 1 3  ? 1.834   15.179  11.637  1.00 27.86  ? 3   LYS A C   1 
ATOM   23  O O   . LYS A 1 3  ? 2.439   14.478  10.838  1.00 70.51  ? 3   LYS A O   1 
ATOM   24  C CB  . LYS A 1 3  ? 2.679   16.735  13.356  1.00 70.51  ? 3   LYS A CB  1 
ATOM   25  C CG  . LYS A 1 3  ? 4.157   16.333  13.488  1.00 70.51  ? 3   LYS A CG  1 
ATOM   26  C CD  . LYS A 1 3  ? 5.106   17.004  12.469  1.00 70.51  ? 3   LYS A CD  1 
ATOM   27  C CE  . LYS A 1 3  ? 6.547   17.182  12.960  1.00 70.51  ? 3   LYS A CE  1 
ATOM   28  N NZ  . LYS A 1 3  ? 7.049   16.081  13.812  1.00 70.51  ? 3   LYS A NZ  1 
ATOM   29  N N   . GLN A 1 4  ? 0.779   14.775  12.321  1.00 100.00 ? 4   GLN A N   1 
ATOM   30  C CA  . GLN A 1 4  ? 0.246   13.439  12.204  1.00 100.00 ? 4   GLN A CA  1 
ATOM   31  C C   . GLN A 1 4  ? 0.000   13.005  10.752  1.00 100.00 ? 4   GLN A C   1 
ATOM   32  O O   . GLN A 1 4  ? 0.638   12.051  10.266  1.00 69.46  ? 4   GLN A O   1 
ATOM   33  C CB  . GLN A 1 4  ? -0.952  13.223  13.172  1.00 69.46  ? 4   GLN A CB  1 
ATOM   34  C CG  . GLN A 1 4  ? -0.657  13.829  14.573  1.00 69.46  ? 4   GLN A CG  1 
ATOM   35  C CD  . GLN A 1 4  ? -1.624  13.477  15.704  1.00 69.46  ? 4   GLN A CD  1 
ATOM   36  O OE1 . GLN A 1 4  ? -1.294  13.572  16.920  1.00 69.46  ? 4   GLN A OE1 1 
ATOM   37  N NE2 . GLN A 1 4  ? -2.836  13.109  15.299  1.00 69.46  ? 4   GLN A NE2 1 
ATOM   38  N N   . LEU A 1 5  ? -0.902  13.725  10.047  1.00 33.53  ? 5   LEU A N   1 
ATOM   39  C CA  . LEU A 1 5  ? -1.264  13.382  8.672   1.00 33.53  ? 5   LEU A CA  1 
ATOM   40  C C   . LEU A 1 5  ? -0.119  13.280  7.694   1.00 33.53  ? 5   LEU A C   1 
ATOM   41  O O   . LEU A 1 5  ? -0.036  12.295  6.974   1.00 82.94  ? 5   LEU A O   1 
ATOM   42  C CB  . LEU A 1 5  ? -2.517  14.014  8.097   1.00 82.94  ? 5   LEU A CB  1 
ATOM   43  C CG  . LEU A 1 5  ? -3.381  12.906  7.521   1.00 82.94  ? 5   LEU A CG  1 
ATOM   44  C CD1 . LEU A 1 5  ? -4.549  12.651  8.442   1.00 82.94  ? 5   LEU A CD1 1 
ATOM   45  C CD2 . LEU A 1 5  ? -3.830  13.227  6.090   1.00 82.94  ? 5   LEU A CD2 1 
ATOM   46  N N   . GLU A 1 6  ? 0.791   14.270  7.715   1.00 31.67  ? 6   GLU A N   1 
ATOM   47  C CA  . GLU A 1 6  ? 1.979   14.281  6.865   1.00 31.67  ? 6   GLU A CA  1 
ATOM   48  C C   . GLU A 1 6  ? 3.105   13.366  7.367   1.00 31.67  ? 6   GLU A C   1 
ATOM   49  O O   . GLU A 1 6  ? 4.196   13.367  6.828   1.00 100.00 ? 6   GLU A O   1 
ATOM   50  C CB  . GLU A 1 6  ? 2.392   15.685  6.433   1.00 100.00 ? 6   GLU A CB  1 
ATOM   51  C CG  . GLU A 1 6  ? 1.501   16.193  5.268   1.00 100.00 ? 6   GLU A CG  1 
ATOM   52  C CD  . GLU A 1 6  ? 0.076   16.619  5.621   1.00 100.00 ? 6   GLU A CD  1 
ATOM   53  O OE1 . GLU A 1 6  ? -0.539  16.273  6.625   1.00 100.00 ? 6   GLU A OE1 1 
ATOM   54  O OE2 . GLU A 1 6  ? -0.448  17.407  4.713   1.00 100.00 ? 6   GLU A OE2 1 
ATOM   55  N N   . ASP A 1 7  ? 2.792   12.540  8.369   1.00 77.17  ? 7   ASP A N   1 
ATOM   56  C CA  . ASP A 1 7  ? 3.717   11.554  8.930   1.00 77.17  ? 7   ASP A CA  1 
ATOM   57  C C   . ASP A 1 7  ? 3.228   10.069  8.624   1.00 77.17  ? 7   ASP A C   1 
ATOM   58  O O   . ASP A 1 7  ? 4.009   9.044   8.494   1.00 37.89  ? 7   ASP A O   1 
ATOM   59  C CB  . ASP A 1 7  ? 4.049   11.867  10.437  1.00 37.89  ? 7   ASP A CB  1 
ATOM   60  C CG  . ASP A 1 7  ? 5.073   12.986  10.797  1.00 37.89  ? 7   ASP A CG  1 
ATOM   61  O OD1 . ASP A 1 7  ? 5.796   13.625  10.005  1.00 37.89  ? 7   ASP A OD1 1 
ATOM   62  O OD2 . ASP A 1 7  ? 5.124   13.198  12.111  1.00 37.89  ? 7   ASP A OD2 1 
ATOM   63  N N   . LYS A 1 8  ? 1.880   9.962   8.470   1.00 24.38  ? 8   LYS A N   1 
ATOM   64  C CA  . LYS A 1 8  ? 1.225   8.687   8.150   1.00 24.38  ? 8   LYS A CA  1 
ATOM   65  C C   . LYS A 1 8  ? 1.252   8.495   6.680   1.00 24.38  ? 8   LYS A C   1 
ATOM   66  O O   . LYS A 1 8  ? 1.349   7.372   6.229   1.00 68.88  ? 8   LYS A O   1 
ATOM   67  C CB  . LYS A 1 8  ? -0.125  8.337   8.798   1.00 68.88  ? 8   LYS A CB  1 
ATOM   68  C CG  . LYS A 1 8  ? -0.063  7.135   9.760   1.00 68.88  ? 8   LYS A CG  1 
ATOM   69  C CD  . LYS A 1 8  ? -0.470  7.434   11.213  1.00 68.88  ? 8   LYS A CD  1 
ATOM   70  C CE  . LYS A 1 8  ? -1.494  8.572   11.377  1.00 68.88  ? 8   LYS A CE  1 
ATOM   71  N NZ  . LYS A 1 8  ? -2.066  8.712   12.733  1.00 68.88  ? 8   LYS A NZ  1 
ATOM   72  N N   . VAL A 1 9  ? 1.279   9.615   5.982   1.00 17.28  ? 9   VAL A N   1 
ATOM   73  C CA  . VAL A 1 9  ? 1.456   9.587   4.570   1.00 17.28  ? 9   VAL A CA  1 
ATOM   74  C C   . VAL A 1 9  ? 2.950   9.307   4.321   1.00 17.28  ? 9   VAL A C   1 
ATOM   75  O O   . VAL A 1 9  ? 3.485   9.291   3.178   1.00 14.77  ? 9   VAL A O   1 
ATOM   76  C CB  . VAL A 1 9  ? 0.995   10.889  3.995   1.00 14.77  ? 9   VAL A CB  1 
ATOM   77  C CG1 . VAL A 1 9  ? 1.242   11.035  2.482   1.00 14.77  ? 9   VAL A CG1 1 
ATOM   78  C CG2 . VAL A 1 9  ? -0.437  11.166  4.449   1.00 14.77  ? 9   VAL A CG2 1 
ATOM   79  N N   . GLU A 1 10 ? 3.689   9.072   5.431   1.00 18.03  ? 10  GLU A N   1 
ATOM   80  C CA  . GLU A 1 10 ? 5.101   8.672   5.279   1.00 18.03  ? 10  GLU A CA  1 
ATOM   81  C C   . GLU A 1 10 ? 5.162   7.182   5.552   1.00 18.03  ? 10  GLU A C   1 
ATOM   82  O O   . GLU A 1 10 ? 5.575   6.389   4.689   1.00 100.00 ? 10  GLU A O   1 
ATOM   83  C CB  . GLU A 1 10 ? 6.103   9.390   6.191   1.00 100.00 ? 10  GLU A CB  1 
ATOM   84  C CG  . GLU A 1 10 ? 7.556   9.148   5.723   1.00 100.00 ? 10  GLU A CG  1 
ATOM   85  C CD  . GLU A 1 10 ? 8.533   9.129   6.862   1.00 100.00 ? 10  GLU A CD  1 
ATOM   86  O OE1 . GLU A 1 10 ? 8.489   9.921   7.784   1.00 100.00 ? 10  GLU A OE1 1 
ATOM   87  O OE2 . GLU A 1 10 ? 9.418   8.166   6.748   1.00 100.00 ? 10  GLU A OE2 1 
ATOM   88  N N   . GLU A 1 11 ? 4.623   6.802   6.723   1.00 23.32  ? 11  GLU A N   1 
ATOM   89  C CA  . GLU A 1 11 ? 4.454   5.385   6.997   1.00 23.32  ? 11  GLU A CA  1 
ATOM   90  C C   . GLU A 1 11 ? 3.838   4.522   5.802   1.00 23.32  ? 11  GLU A C   1 
ATOM   91  O O   . GLU A 1 11 ? 4.113   3.335   5.640   1.00 96.02  ? 11  GLU A O   1 
ATOM   92  C CB  . GLU A 1 11 ? 3.534   5.206   8.238   1.00 96.02  ? 11  GLU A CB  1 
ATOM   93  C CG  . GLU A 1 11 ? 3.002   3.762   8.435   1.00 96.02  ? 11  GLU A CG  1 
ATOM   94  C CD  . GLU A 1 11 ? 3.317   3.171   9.789   1.00 96.02  ? 11  GLU A CD  1 
ATOM   95  O OE1 . GLU A 1 11 ? 4.492   2.575   9.845   1.00 96.02  ? 11  GLU A OE1 1 
ATOM   96  O OE2 . GLU A 1 11 ? 2.558   3.267   10.738  1.00 96.02  ? 11  GLU A OE2 1 
ATOM   97  N N   . LEU A 1 12 ? 2.903   5.074   5.025   1.00 34.33  ? 12  LEU A N   1 
ATOM   98  C CA  . LEU A 1 12 ? 2.281   4.337   3.965   1.00 34.33  ? 12  LEU A CA  1 
ATOM   99  C C   . LEU A 1 12 ? 3.150   4.515   2.759   1.00 34.33  ? 12  LEU A C   1 
ATOM   100 O O   . LEU A 1 12 ? 3.067   3.698   1.864   1.00 43.67  ? 12  LEU A O   1 
ATOM   101 C CB  . LEU A 1 12 ? 0.930   4.943   3.508   1.00 43.67  ? 12  LEU A CB  1 
ATOM   102 C CG  . LEU A 1 12 ? -0.366  4.736   4.312   1.00 43.67  ? 12  LEU A CG  1 
ATOM   103 C CD1 . LEU A 1 12 ? -1.519  5.119   3.399   1.00 43.67  ? 12  LEU A CD1 1 
ATOM   104 C CD2 . LEU A 1 12 ? -0.578  3.316   4.856   1.00 43.67  ? 12  LEU A CD2 1 
ATOM   105 N N   . LEU A 1 13 ? 3.864   5.644   2.641   1.00 44.50  ? 13  LEU A N   1 
ATOM   106 C CA  . LEU A 1 13 ? 4.675   5.891   1.449   1.00 44.50  ? 13  LEU A CA  1 
ATOM   107 C C   . LEU A 1 13 ? 5.832   4.903   1.534   1.00 44.50  ? 13  LEU A C   1 
ATOM   108 O O   . LEU A 1 13 ? 6.306   4.240   0.586   1.00 15.58  ? 13  LEU A O   1 
ATOM   109 C CB  . LEU A 1 13 ? 5.227   7.344   1.435   1.00 15.58  ? 13  LEU A CB  1 
ATOM   110 C CG  . LEU A 1 13 ? 4.569   8.409   0.500   1.00 15.58  ? 13  LEU A CG  1 
ATOM   111 C CD1 . LEU A 1 13 ? 5.310   9.767   0.555   1.00 15.58  ? 13  LEU A CD1 1 
ATOM   112 C CD2 . LEU A 1 13 ? 4.518   7.925   -0.946  1.00 15.58  ? 13  LEU A CD2 1 
ATOM   113 N N   . SER A 1 14 ? 6.279   4.757   2.749   1.00 19.64  ? 14  SER A N   1 
ATOM   114 C CA  . SER A 1 14 ? 7.368   3.874   2.841   1.00 19.64  ? 14  SER A CA  1 
ATOM   115 C C   . SER A 1 14 ? 6.962   2.544   2.228   1.00 19.64  ? 14  SER A C   1 
ATOM   116 O O   . SER A 1 14 ? 7.570   2.079   1.222   1.00 49.83  ? 14  SER A O   1 
ATOM   117 C CB  . SER A 1 14 ? 7.902   3.742   4.252   1.00 49.83  ? 14  SER A CB  1 
ATOM   118 O OG  . SER A 1 14 ? 6.912   3.259   5.136   1.00 49.83  ? 14  SER A OG  1 
ATOM   119 N N   . LYS A 1 15 ? 5.944   1.955   2.921   1.00 23.11  ? 15  LYS A N   1 
ATOM   120 C CA  . LYS A 1 15 ? 5.268   0.646   2.743   1.00 23.11  ? 15  LYS A CA  1 
ATOM   121 C C   . LYS A 1 15 ? 4.685   0.324   1.364   1.00 23.11  ? 15  LYS A C   1 
ATOM   122 O O   . LYS A 1 15 ? 4.380   -0.775  1.085   1.00 37.09  ? 15  LYS A O   1 
ATOM   123 C CB  . LYS A 1 15 ? 4.254   0.465   3.846   1.00 37.09  ? 15  LYS A CB  1 
ATOM   124 C CG  . LYS A 1 15 ? 4.873   0.697   5.207   1.00 37.09  ? 15  LYS A CG  1 
ATOM   125 C CD  . LYS A 1 15 ? 3.863   0.468   6.326   1.00 37.09  ? 15  LYS A CD  1 
ATOM   126 C CE  . LYS A 1 15 ? 4.452   -0.155  7.607   1.00 37.09  ? 15  LYS A CE  1 
ATOM   127 N NZ  . LYS A 1 15 ? 3.427   -0.560  8.610   1.00 37.09  ? 15  LYS A NZ  1 
ATOM   128 N N   . ALA A 1 16 ? 4.492   1.281   0.524   1.00 3.93   ? 16  ALA A N   1 
ATOM   129 C CA  . ALA A 1 16 ? 4.031   1.114   -0.826  1.00 3.93   ? 16  ALA A CA  1 
ATOM   130 C C   . ALA A 1 16 ? 5.284   0.815   -1.639  1.00 3.93   ? 16  ALA A C   1 
ATOM   131 O O   . ALA A 1 16 ? 5.278   0.192   -2.691  1.00 28.71  ? 16  ALA A O   1 
ATOM   132 C CB  . ALA A 1 16 ? 3.344   2.377   -1.347  1.00 28.71  ? 16  ALA A CB  1 
ATOM   133 N N   . TYR A 1 17 ? 6.408   1.287   -1.160  1.00 15.01  ? 17  TYR A N   1 
ATOM   134 C CA  . TYR A 1 17 ? 7.654   1.056   -1.795  1.00 15.01  ? 17  TYR A CA  1 
ATOM   135 C C   . TYR A 1 17 ? 8.095   -0.370  -1.417  1.00 15.01  ? 17  TYR A C   1 
ATOM   136 O O   . TYR A 1 17 ? 8.018   -1.189  -2.281  1.00 14.29  ? 17  TYR A O   1 
ATOM   137 C CB  . TYR A 1 17 ? 8.563   2.211   -1.375  1.00 14.29  ? 17  TYR A CB  1 
ATOM   138 C CG  . TYR A 1 17 ? 10.071  1.990   -1.472  1.00 14.29  ? 17  TYR A CG  1 
ATOM   139 C CD1 . TYR A 1 17 ? 10.740  2.251   -2.676  1.00 14.29  ? 17  TYR A CD1 1 
ATOM   140 C CD2 . TYR A 1 17 ? 10.773  1.511   -0.367  1.00 14.29  ? 17  TYR A CD2 1 
ATOM   141 C CE1 . TYR A 1 17 ? 12.101  2.014   -2.807  1.00 14.29  ? 17  TYR A CE1 1 
ATOM   142 C CE2 . TYR A 1 17 ? 12.144  1.358   -0.457  1.00 14.29  ? 17  TYR A CE2 1 
ATOM   143 C CZ  . TYR A 1 17 ? 12.777  1.623   -1.662  1.00 14.29  ? 17  TYR A CZ  1 
ATOM   144 O OH  . TYR A 1 17 ? 14.143  1.462   -1.731  1.00 14.29  ? 17  TYR A OH  1 
ATOM   145 N N   . HIS A 1 18 ? 8.441   -0.733  -0.138  1.00 2.00   ? 18  HIS A N   1 
ATOM   146 C CA  . HIS A 1 18 ? 8.739   -2.131  0.334   1.00 2.00   ? 18  HIS A CA  1 
ATOM   147 C C   . HIS A 1 18 ? 7.983   -3.157  -0.455  1.00 2.00   ? 18  HIS A C   1 
ATOM   148 O O   . HIS A 1 18 ? 8.557   -3.798  -1.325  1.00 50.44  ? 18  HIS A O   1 
ATOM   149 C CB  . HIS A 1 18 ? 8.302   -2.268  1.797   1.00 50.44  ? 18  HIS A CB  1 
ATOM   150 C CG  . HIS A 1 18 ? 8.528   -3.585  2.474   1.00 50.44  ? 18  HIS A CG  1 
ATOM   151 N ND1 . HIS A 1 18 ? 7.725   -3.986  3.540   1.00 50.44  ? 18  HIS A ND1 1 
ATOM   152 C CD2 . HIS A 1 18 ? 9.499   -4.530  2.293   1.00 50.44  ? 18  HIS A CD2 1 
ATOM   153 C CE1 . HIS A 1 18 ? 8.181   -5.160  3.941   1.00 50.44  ? 18  HIS A CE1 1 
ATOM   154 N NE2 . HIS A 1 18 ? 9.254   -5.511  3.220   1.00 50.44  ? 18  HIS A NE2 1 
ATOM   155 N N   . LEU A 1 19 ? 6.642   -3.190  -0.230  1.00 17.46  ? 19  LEU A N   1 
ATOM   156 C CA  . LEU A 1 19 ? 5.653   -4.028  -0.955  1.00 17.46  ? 19  LEU A CA  1 
ATOM   157 C C   . LEU A 1 19 ? 5.775   -3.959  -2.433  1.00 17.46  ? 19  LEU A C   1 
ATOM   158 O O   . LEU A 1 19 ? 5.908   -5.014  -3.014  1.00 27.33  ? 19  LEU A O   1 
ATOM   159 C CB  . LEU A 1 19 ? 4.196   -3.791  -0.715  1.00 27.33  ? 19  LEU A CB  1 
ATOM   160 C CG  . LEU A 1 19 ? 3.864   -4.104  0.694   1.00 27.33  ? 19  LEU A CG  1 
ATOM   161 C CD1 . LEU A 1 19 ? 2.820   -3.086  1.151   1.00 27.33  ? 19  LEU A CD1 1 
ATOM   162 C CD2 . LEU A 1 19 ? 3.326   -5.524  0.796   1.00 27.33  ? 19  LEU A CD2 1 
ATOM   163 N N   . GLU A 1 20 ? 5.704   -2.782  -3.077  1.00 7.47   ? 20  GLU A N   1 
ATOM   164 C CA  . GLU A 1 20 ? 5.916   -2.801  -4.531  1.00 7.47   ? 20  GLU A CA  1 
ATOM   165 C C   . GLU A 1 20 ? 7.160   -3.689  -4.767  1.00 7.47   ? 20  GLU A C   1 
ATOM   166 O O   . GLU A 1 20 ? 7.193   -4.625  -5.582  1.00 40.01  ? 20  GLU A O   1 
ATOM   167 C CB  . GLU A 1 20 ? 6.221   -1.442  -5.131  1.00 40.01  ? 20  GLU A CB  1 
ATOM   168 C CG  . GLU A 1 20 ? 5.079   -0.772  -5.908  1.00 40.01  ? 20  GLU A CG  1 
ATOM   169 C CD  . GLU A 1 20 ? 5.320   0.726   -5.919  1.00 40.01  ? 20  GLU A CD  1 
ATOM   170 O OE1 . GLU A 1 20 ? 5.581   1.322   -4.876  1.00 40.01  ? 20  GLU A OE1 1 
ATOM   171 O OE2 . GLU A 1 20 ? 5.377   1.299   -7.142  1.00 40.01  ? 20  GLU A OE2 1 
ATOM   172 N N   . ASN A 1 21 ? 8.180   -3.423  -3.968  1.00 30.58  ? 21  ASN A N   1 
ATOM   173 C CA  . ASN A 1 21 ? 9.402   -4.162  -4.077  1.00 30.58  ? 21  ASN A CA  1 
ATOM   174 C C   . ASN A 1 21 ? 9.270   -5.640  -3.873  1.00 30.58  ? 21  ASN A C   1 
ATOM   175 O O   . ASN A 1 21 ? 9.666   -6.409  -4.722  1.00 22.16  ? 21  ASN A O   1 
ATOM   176 C CB  . ASN A 1 21 ? 10.589  -3.591  -3.315  1.00 22.16  ? 21  ASN A CB  1 
ATOM   177 C CG  . ASN A 1 21 ? 11.133  -2.370  -3.977  1.00 22.16  ? 21  ASN A CG  1 
ATOM   178 O OD1 . ASN A 1 21 ? 10.714  -1.879  -5.035  1.00 22.16  ? 21  ASN A OD1 1 
ATOM   179 N ND2 . ASN A 1 21 ? 12.055  -1.792  -3.252  1.00 22.16  ? 21  ASN A ND2 1 
ATOM   180 N N   . GLU A 1 22 ? 8.804   -5.999  -2.724  1.00 26.96  ? 22  GLU A N   1 
ATOM   181 C CA  . GLU A 1 22 ? 8.581   -7.368  -2.348  1.00 26.96  ? 22  GLU A CA  1 
ATOM   182 C C   . GLU A 1 22 ? 7.761   -8.199  -3.394  1.00 26.96  ? 22  GLU A C   1 
ATOM   183 O O   . GLU A 1 22 ? 8.235   -9.220  -3.898  1.00 50.70  ? 22  GLU A O   1 
ATOM   184 C CB  . GLU A 1 22 ? 7.911   -7.318  -0.977  1.00 50.70  ? 22  GLU A CB  1 
ATOM   185 C CG  . GLU A 1 22 ? 7.899   -8.672  -0.329  1.00 50.70  ? 22  GLU A CG  1 
ATOM   186 C CD  . GLU A 1 22 ? 9.227   -9.076  0.185   1.00 50.70  ? 22  GLU A CD  1 
ATOM   187 O OE1 . GLU A 1 22 ? 10.055  -9.315  -0.772  1.00 50.70  ? 22  GLU A OE1 1 
ATOM   188 O OE2 . GLU A 1 22 ? 9.481   -9.236  1.356   1.00 50.70  ? 22  GLU A OE2 1 
ATOM   189 N N   . VAL A 1 23 ? 6.556   -7.721  -3.804  1.00 41.27  ? 23  VAL A N   1 
ATOM   190 C CA  . VAL A 1 23 ? 5.667   -8.361  -4.782  1.00 41.27  ? 23  VAL A CA  1 
ATOM   191 C C   . VAL A 1 23 ? 6.451   -8.667  -5.992  1.00 41.27  ? 23  VAL A C   1 
ATOM   192 O O   . VAL A 1 23 ? 6.424   -9.798  -6.427  1.00 32.45  ? 23  VAL A O   1 
ATOM   193 C CB  . VAL A 1 23 ? 4.420   -7.535  -5.156  1.00 32.45  ? 23  VAL A CB  1 
ATOM   194 C CG1 . VAL A 1 23 ? 3.974   -7.726  -6.576  1.00 32.45  ? 23  VAL A CG1 1 
ATOM   195 C CG2 . VAL A 1 23 ? 3.260   -7.957  -4.298  1.00 32.45  ? 23  VAL A CG2 1 
ATOM   196 N N   . ALA A 1 24 ? 7.162   -7.663  -6.489  1.00 29.90  ? 24  ALA A N   1 
ATOM   197 C CA  . ALA A 1 24 ? 7.986   -7.777  -7.687  1.00 29.90  ? 24  ALA A CA  1 
ATOM   198 C C   . ALA A 1 24 ? 9.020   -8.958  -7.668  1.00 29.90  ? 24  ALA A C   1 
ATOM   199 O O   . ALA A 1 24 ? 9.222   -9.625  -8.725  1.00 29.84  ? 24  ALA A O   1 
ATOM   200 C CB  . ALA A 1 24 ? 8.609   -6.420  -8.049  1.00 29.84  ? 24  ALA A CB  1 
ATOM   201 N N   . ARG A 1 25 ? 9.664   -9.151  -6.461  1.00 19.48  ? 25  ARG A N   1 
ATOM   202 C CA  . ARG A 1 25 ? 10.669  -10.171 -6.137  1.00 19.48  ? 25  ARG A CA  1 
ATOM   203 C C   . ARG A 1 25 ? 9.924   -11.499 -6.422  1.00 19.48  ? 25  ARG A C   1 
ATOM   204 O O   . ARG A 1 25 ? 10.230  -12.144 -7.423  1.00 76.08  ? 25  ARG A O   1 
ATOM   205 C CB  . ARG A 1 25 ? 11.134  -10.060 -4.697  1.00 76.08  ? 25  ARG A CB  1 
ATOM   206 C CG  . ARG A 1 25 ? 12.589  -10.428 -4.505  1.00 76.08  ? 25  ARG A CG  1 
ATOM   207 C CD  . ARG A 1 25 ? 12.853  -11.278 -3.238  1.00 76.08  ? 25  ARG A CD  1 
ATOM   208 N NE  . ARG A 1 25 ? 14.119  -12.069 -3.283  1.00 76.08  ? 25  ARG A NE  1 
ATOM   209 C CZ  . ARG A 1 25 ? 14.343  -13.313 -2.785  1.00 76.08  ? 25  ARG A CZ  1 
ATOM   210 N NH1 . ARG A 1 25 ? 13.417  -14.019 -2.131  1.00 76.08  ? 25  ARG A NH1 1 
ATOM   211 N NH2 . ARG A 1 25 ? 15.544  -13.878 -2.966  1.00 76.08  ? 25  ARG A NH2 1 
ATOM   212 N N   . LEU A 1 26 ? 8.892   -11.826 -5.599  1.00 20.62  ? 26  LEU A N   1 
ATOM   213 C CA  . LEU A 1 26 ? 7.932   -12.919 -5.744  1.00 20.62  ? 26  LEU A CA  1 
ATOM   214 C C   . LEU A 1 26 ? 7.480   -13.154 -7.190  1.00 20.62  ? 26  LEU A C   1 
ATOM   215 O O   . LEU A 1 26 ? 7.411   -14.234 -7.747  1.00 20.57  ? 26  LEU A O   1 
ATOM   216 C CB  . LEU A 1 26 ? 6.685   -12.352 -5.114  1.00 20.57  ? 26  LEU A CB  1 
ATOM   217 C CG  . LEU A 1 26 ? 6.501   -12.801 -3.689  1.00 20.57  ? 26  LEU A CG  1 
ATOM   218 C CD1 . LEU A 1 26 ? 5.022   -12.578 -3.257  1.00 20.57  ? 26  LEU A CD1 1 
ATOM   219 C CD2 . LEU A 1 26 ? 6.898   -14.269 -3.637  1.00 20.57  ? 26  LEU A CD2 1 
ATOM   220 N N   . LYS A 1 27 ? 7.091   -12.075 -7.837  1.00 17.44  ? 27  LYS A N   1 
ATOM   221 C CA  . LYS A 1 27 ? 6.635   -12.291 -9.147  1.00 17.44  ? 27  LYS A CA  1 
ATOM   222 C C   . LYS A 1 27 ? 7.797   -12.856 -9.904  1.00 17.44  ? 27  LYS A C   1 
ATOM   223 O O   . LYS A 1 27 ? 7.670   -13.855 -10.552 1.00 28.03  ? 27  LYS A O   1 
ATOM   224 C CB  . LYS A 1 27 ? 6.009   -11.033 -9.722  1.00 28.03  ? 27  LYS A CB  1 
ATOM   225 C CG  . LYS A 1 27 ? 4.526   -10.853 -9.368  1.00 28.03  ? 27  LYS A CG  1 
ATOM   226 C CD  . LYS A 1 27 ? 3.811   -9.892  -10.264 1.00 28.03  ? 27  LYS A CD  1 
ATOM   227 C CE  . LYS A 1 27 ? 4.746   -8.773  -10.670 1.00 28.03  ? 27  LYS A CE  1 
ATOM   228 N NZ  . LYS A 1 27 ? 4.423   -8.184  -11.963 1.00 28.03  ? 27  LYS A NZ  1 
ATOM   229 N N   . LYS A 1 28 ? 8.961   -12.244 -9.824  1.00 41.25  ? 28  LYS A N   1 
ATOM   230 C CA  . LYS A 1 28 ? 10.145  -12.779 -10.499 1.00 41.25  ? 28  LYS A CA  1 
ATOM   231 C C   . LYS A 1 28 ? 10.486  -14.250 -10.152 1.00 41.25  ? 28  LYS A C   1 
ATOM   232 O O   . LYS A 1 28 ? 10.868  -15.027 -11.039 1.00 82.55  ? 28  LYS A O   1 
ATOM   233 C CB  . LYS A 1 28 ? 11.356  -11.899 -10.211 1.00 82.55  ? 28  LYS A CB  1 
ATOM   234 C CG  . LYS A 1 28 ? 11.559  -10.765 -11.207 1.00 82.55  ? 28  LYS A CG  1 
ATOM   235 C CD  . LYS A 1 28 ? 12.673  -9.826  -10.768 1.00 82.55  ? 28  LYS A CD  1 
ATOM   236 C CE  . LYS A 1 28 ? 13.013  -9.998  -9.286  1.00 82.55  ? 28  LYS A CE  1 
ATOM   237 N NZ  . LYS A 1 28 ? 13.992  -9.013  -8.769  1.00 82.55  ? 28  LYS A NZ  1 
ATOM   238 N N   . LEU A 1 29 ? 10.391  -14.642 -8.847  1.00 41.97  ? 29  LEU A N   1 
ATOM   239 C CA  . LEU A 1 29 ? 10.709  -15.991 -8.354  1.00 41.97  ? 29  LEU A CA  1 
ATOM   240 C C   . LEU A 1 29 ? 9.592   -16.986 -8.508  1.00 41.97  ? 29  LEU A C   1 
ATOM   241 O O   . LEU A 1 29 ? 9.471   -17.941 -7.722  1.00 20.38  ? 29  LEU A O   1 
ATOM   242 C CB  . LEU A 1 29 ? 10.936  -16.071 -6.842  1.00 20.38  ? 29  LEU A CB  1 
ATOM   243 C CG  . LEU A 1 29 ? 11.989  -15.208 -6.201  1.00 20.38  ? 29  LEU A CG  1 
ATOM   244 C CD1 . LEU A 1 29 ? 11.928  -15.633 -4.735  1.00 20.38  ? 29  LEU A CD1 1 
ATOM   245 C CD2 . LEU A 1 29 ? 13.411  -15.346 -6.816  1.00 20.38  ? 29  LEU A CD2 1 
ATOM   246 N N   . VAL A 1 30 ? 8.730   -16.746 -9.436  1.00 24.19  ? 30  VAL A N   1 
ATOM   247 C CA  . VAL A 1 30 ? 7.619   -17.607 -9.610  1.00 24.19  ? 30  VAL A CA  1 
ATOM   248 C C   . VAL A 1 30 ? 7.241   -17.492 -11.089 1.00 24.19  ? 30  VAL A C   1 
ATOM   249 O O   . VAL A 1 30 ? 6.332   -18.159 -11.588 1.00 37.20  ? 30  VAL A O   1 
ATOM   250 C CB  . VAL A 1 30 ? 6.550   -17.358 -8.519  1.00 37.20  ? 30  VAL A CB  1 
ATOM   251 C CG1 . VAL A 1 30 ? 5.080   -17.427 -8.968  1.00 37.20  ? 30  VAL A CG1 1 
ATOM   252 C CG2 . VAL A 1 30 ? 6.744   -18.299 -7.338  1.00 37.20  ? 30  VAL A CG2 1 
ATOM   253 N N   . GLY A 1 31 ? 8.074   -16.727 -11.810 1.00 16.14  ? 31  GLY A N   1 
ATOM   254 C CA  . GLY A 1 31 ? 7.953   -16.513 -13.245 1.00 16.14  ? 31  GLY A CA  1 
ATOM   255 C C   . GLY A 1 31 ? 6.525   -16.207 -13.666 1.00 16.14  ? 31  GLY A C   1 
ATOM   256 O O   . GLY A 1 31 ? 5.922   -15.197 -13.255 1.00 95.76  ? 31  GLY A O   1 
ATOM   257 N N   . ARG B 1 1  ? -12.355 18.918  4.794   1.00 45.48  ? 1   ARG B N   1 
ATOM   258 C CA  . ARG B 1 1  ? -11.150 18.792  3.981   1.00 45.48  ? 1   ARG B CA  1 
ATOM   259 C C   . ARG B 1 1  ? -10.164 17.888  4.674   1.00 45.48  ? 1   ARG B C   1 
ATOM   260 O O   . ARG B 1 1  ? -9.668  16.921  4.077   1.00 70.46  ? 1   ARG B O   1 
ATOM   261 C CB  . ARG B 1 1  ? -10.488 20.124  3.554   1.00 70.46  ? 1   ARG B CB  1 
ATOM   262 C CG  . ARG B 1 1  ? -10.665 20.441  2.051   1.00 70.46  ? 1   ARG B CG  1 
ATOM   263 C CD  . ARG B 1 1  ? -9.474  21.130  1.352   1.00 70.46  ? 1   ARG B CD  1 
ATOM   264 N NE  . ARG B 1 1  ? -9.375  20.865  -0.102  1.00 70.46  ? 1   ARG B NE  1 
ATOM   265 C CZ  . ARG B 1 1  ? -8.517  21.429  -0.975  1.00 70.46  ? 1   ARG B CZ  1 
ATOM   266 N NH1 . ARG B 1 1  ? -7.623  22.360  -0.645  1.00 70.46  ? 1   ARG B NH1 1 
ATOM   267 N NH2 . ARG B 1 1  ? -8.548  21.041  -2.244  1.00 70.46  ? 1   ARG B NH2 1 
ATOM   268 N N   . MET B 1 2  ? -9.886  18.225  5.945   1.00 29.18  ? 2   MET B N   1 
ATOM   269 C CA  . MET B 1 2  ? -8.925  17.426  6.682   1.00 29.18  ? 2   MET B CA  1 
ATOM   270 C C   . MET B 1 2  ? -9.482  16.074  7.054   1.00 29.18  ? 2   MET B C   1 
ATOM   271 O O   . MET B 1 2  ? -8.836  15.040  6.808   1.00 62.87  ? 2   MET B O   1 
ATOM   272 C CB  . MET B 1 2  ? -8.302  18.099  7.912   1.00 62.87  ? 2   MET B CB  1 
ATOM   273 C CG  . MET B 1 2  ? -7.022  18.827  7.586   1.00 62.87  ? 2   MET B CG  1 
ATOM   274 S SD  . MET B 1 2  ? -7.449  20.526  7.206   1.00 62.87  ? 2   MET B SD  1 
ATOM   275 C CE  . MET B 1 2  ? -6.890  20.674  5.465   1.00 62.87  ? 2   MET B CE  1 
ATOM   276 N N   . LYS B 1 3  ? -10.673 16.084  7.664   1.00 37.95  ? 3   LYS B N   1 
ATOM   277 C CA  . LYS B 1 3  ? -11.182 14.821  8.106   1.00 37.95  ? 3   LYS B CA  1 
ATOM   278 C C   . LYS B 1 3  ? -10.996 13.809  6.986   1.00 37.95  ? 3   LYS B C   1 
ATOM   279 O O   . LYS B 1 3  ? -10.370 12.744  7.149   1.00 72.13  ? 3   LYS B O   1 
ATOM   280 C CB  . LYS B 1 3  ? -12.552 14.867  8.749   1.00 72.13  ? 3   LYS B CB  1 
ATOM   281 C CG  . LYS B 1 3  ? -12.634 13.941  9.965   1.00 53.04  ? 3   LYS B CG  1 
ATOM   282 C CD  . LYS B 1 3  ? -13.583 14.431  11.068  1.00 53.04  ? 3   LYS B CD  1 
ATOM   283 C CE  . LYS B 1 3  ? -13.684 13.477  12.260  1.00 53.04  ? 3   LYS B CE  1 
ATOM   284 N NZ  . LYS B 1 3  ? -12.931 13.919  13.457  1.00 53.04  ? 3   LYS B NZ  1 
ATOM   285 N N   . GLN B 1 4  ? -11.525 14.225  5.812   1.00 96.92  ? 4   GLN B N   1 
ATOM   286 C CA  . GLN B 1 4  ? -11.474 13.462  4.568   1.00 96.92  ? 4   GLN B CA  1 
ATOM   287 C C   . GLN B 1 4  ? -10.084 12.894  4.381   1.00 96.92  ? 4   GLN B C   1 
ATOM   288 O O   . GLN B 1 4  ? -9.892  11.682  4.246   1.00 46.77  ? 4   GLN B O   1 
ATOM   289 C CB  . GLN B 1 4  ? -11.933 14.310  3.355   1.00 46.77  ? 4   GLN B CB  1 
ATOM   290 C CG  . GLN B 1 4  ? -11.123 14.189  2.016   1.00 46.77  ? 4   GLN B CG  1 
ATOM   291 C CD  . GLN B 1 4  ? -10.486 15.470  1.409   1.00 46.77  ? 4   GLN B CD  1 
ATOM   292 O OE1 . GLN B 1 4  ? -9.271  15.619  1.336   1.00 46.77  ? 4   GLN B OE1 1 
ATOM   293 N NE2 . GLN B 1 4  ? -11.259 16.409  0.908   1.00 46.77  ? 4   GLN B NE2 1 
ATOM   294 N N   . LEU B 1 5  ? -9.097  13.782  4.426   1.00 41.04  ? 5   LEU B N   1 
ATOM   295 C CA  . LEU B 1 5  ? -7.746  13.324  4.262   1.00 41.04  ? 5   LEU B CA  1 
ATOM   296 C C   . LEU B 1 5  ? -7.340  12.352  5.342   1.00 41.04  ? 5   LEU B C   1 
ATOM   297 O O   . LEU B 1 5  ? -6.462  11.513  5.121   1.00 73.74  ? 5   LEU B O   1 
ATOM   298 C CB  . LEU B 1 5  ? -6.697  14.405  3.923   1.00 73.74  ? 5   LEU B CB  1 
ATOM   299 C CG  . LEU B 1 5  ? -6.089  14.180  2.524   1.00 73.74  ? 5   LEU B CG  1 
ATOM   300 C CD1 . LEU B 1 5  ? -6.305  15.367  1.574   1.00 73.74  ? 5   LEU B CD1 1 
ATOM   301 C CD2 . LEU B 1 5  ? -4.610  13.849  2.645   1.00 73.74  ? 5   LEU B CD2 1 
ATOM   302 N N   . GLU B 1 6  ? -8.019  12.421  6.479   1.00 49.42  ? 6   GLU B N   1 
ATOM   303 C CA  . GLU B 1 6  ? -7.715  11.468  7.525   1.00 49.42  ? 6   GLU B CA  1 
ATOM   304 C C   . GLU B 1 6  ? -8.661  10.243  7.525   1.00 49.42  ? 6   GLU B C   1 
ATOM   305 O O   . GLU B 1 6  ? -8.447  9.228   8.219   1.00 78.55  ? 6   GLU B O   1 
ATOM   306 C CB  . GLU B 1 6  ? -7.482  12.112  8.886   1.00 78.55  ? 6   GLU B CB  1 
ATOM   307 C CG  . GLU B 1 6  ? -7.366  13.636  8.792   1.00 78.55  ? 6   GLU B CG  1 
ATOM   308 C CD  . GLU B 1 6  ? -7.582  14.228  10.146  1.00 78.55  ? 6   GLU B CD  1 
ATOM   309 O OE1 . GLU B 1 6  ? -8.052  13.330  10.976  1.00 78.55  ? 6   GLU B OE1 1 
ATOM   310 O OE2 . GLU B 1 6  ? -7.325  15.381  10.446  1.00 78.55  ? 6   GLU B OE2 1 
ATOM   311 N N   . ASP B 1 7  ? -9.713  10.336  6.690   1.00 52.67  ? 7   ASP B N   1 
ATOM   312 C CA  . ASP B 1 7  ? -10.595 9.207   6.476   1.00 52.67  ? 7   ASP B CA  1 
ATOM   313 C C   . ASP B 1 7  ? -9.740  8.224   5.698   1.00 52.67  ? 7   ASP B C   1 
ATOM   314 O O   . ASP B 1 7  ? -9.307  7.186   6.194   1.00 61.36  ? 7   ASP B O   1 
ATOM   315 C CB  . ASP B 1 7  ? -11.834 9.617   5.644   1.00 61.36  ? 7   ASP B CB  1 
ATOM   316 C CG  . ASP B 1 7  ? -13.082 9.726   6.487   1.00 61.36  ? 7   ASP B CG  1 
ATOM   317 O OD1 . ASP B 1 7  ? -13.094 9.921   7.704   1.00 61.36  ? 7   ASP B OD1 1 
ATOM   318 O OD2 . ASP B 1 7  ? -14.164 9.555   5.773   1.00 61.36  ? 7   ASP B OD2 1 
ATOM   319 N N   . LYS B 1 8  ? -9.475  8.691   4.478   1.00 24.45  ? 8   LYS B N   1 
ATOM   320 C CA  . LYS B 1 8  ? -8.595  8.180   3.414   1.00 24.45  ? 8   LYS B CA  1 
ATOM   321 C C   . LYS B 1 8  ? -7.338  7.423   3.902   1.00 24.45  ? 8   LYS B C   1 
ATOM   322 O O   . LYS B 1 8  ? -7.094  6.255   3.619   1.00 47.41  ? 8   LYS B O   1 
ATOM   323 C CB  . LYS B 1 8  ? -8.141  9.380   2.553   1.00 47.41  ? 8   LYS B CB  1 
ATOM   324 C CG  . LYS B 1 8  ? -8.403  9.175   1.087   1.00 47.41  ? 8   LYS B CG  1 
ATOM   325 C CD  . LYS B 1 8  ? -9.436  8.069   0.839   1.00 47.41  ? 8   LYS B CD  1 
ATOM   326 C CE  . LYS B 1 8  ? -8.865  6.792   0.169   1.00 47.41  ? 8   LYS B CE  1 
ATOM   327 N NZ  . LYS B 1 8  ? -9.867  5.725   -0.064  1.00 47.41  ? 8   LYS B NZ  1 
ATOM   328 N N   . VAL B 1 9  ? -6.538  8.215   4.577   1.00 37.25  ? 9   VAL B N   1 
ATOM   329 C CA  . VAL B 1 9  ? -5.313  7.852   5.201   1.00 37.25  ? 9   VAL B CA  1 
ATOM   330 C C   . VAL B 1 9  ? -5.532  6.770   6.234   1.00 37.25  ? 9   VAL B C   1 
ATOM   331 O O   . VAL B 1 9  ? -4.767  5.810   6.247   1.00 26.15  ? 9   VAL B O   1 
ATOM   332 C CB  . VAL B 1 9  ? -4.506  9.070   5.687   1.00 26.15  ? 9   VAL B CB  1 
ATOM   333 C CG1 . VAL B 1 9  ? -3.483  8.655   6.739   1.00 26.15  ? 9   VAL B CG1 1 
ATOM   334 C CG2 . VAL B 1 9  ? -3.826  9.820   4.528   1.00 26.15  ? 9   VAL B CG2 1 
ATOM   335 N N   . GLU B 1 10 ? -6.584  6.814   7.028   1.00 58.13  ? 10  GLU B N   1 
ATOM   336 C CA  . GLU B 1 10 ? -6.789  5.700   7.963   1.00 58.13  ? 10  GLU B CA  1 
ATOM   337 C C   . GLU B 1 10 ? -7.098  4.324   7.300   1.00 58.13  ? 10  GLU B C   1 
ATOM   338 O O   . GLU B 1 10 ? -6.468  3.282   7.608   1.00 55.57  ? 10  GLU B O   1 
ATOM   339 C CB  . GLU B 1 10 ? -7.783  5.996   9.087   1.00 55.57  ? 10  GLU B CB  1 
ATOM   340 C CG  . GLU B 1 10 ? -7.468  5.052   10.246  1.00 55.57  ? 10  GLU B CG  1 
ATOM   341 C CD  . GLU B 1 10 ? -6.114  5.334   10.849  1.00 55.57  ? 10  GLU B CD  1 
ATOM   342 O OE1 . GLU B 1 10 ? -5.393  6.237   10.474  1.00 55.57  ? 10  GLU B OE1 1 
ATOM   343 O OE2 . GLU B 1 10 ? -5.809  4.545   11.854  1.00 55.57  ? 10  GLU B OE2 1 
ATOM   344 N N   . GLU B 1 11 ? -8.107  4.341   6.403   1.00 63.77  ? 11  GLU B N   1 
ATOM   345 C CA  . GLU B 1 11 ? -8.511  3.179   5.640   1.00 63.77  ? 11  GLU B CA  1 
ATOM   346 C C   . GLU B 1 11 ? -7.243  2.519   5.115   1.00 63.77  ? 11  GLU B C   1 
ATOM   347 O O   . GLU B 1 11 ? -6.968  1.366   5.464   1.00 34.97  ? 11  GLU B O   1 
ATOM   348 C CB  . GLU B 1 11 ? -9.566  3.499   4.531   1.00 34.97  ? 11  GLU B CB  1 
ATOM   349 C CG  . GLU B 1 11 ? -9.003  4.032   3.190   1.00 34.97  ? 11  GLU B CG  1 
ATOM   350 C CD  . GLU B 1 11 ? -9.984  3.868   2.027   1.00 34.97  ? 11  GLU B CD  1 
ATOM   351 O OE1 . GLU B 1 11 ? -11.012 4.514   1.968   1.00 34.97  ? 11  GLU B OE1 1 
ATOM   352 O OE2 . GLU B 1 11 ? -9.679  2.999   1.074   1.00 34.97  ? 11  GLU B OE2 1 
ATOM   353 N N   . LEU B 1 12 ? -6.469  3.301   4.309   1.00 27.92  ? 12  LEU B N   1 
ATOM   354 C CA  . LEU B 1 12 ? -5.177  2.943   3.718   1.00 27.92  ? 12  LEU B CA  1 
ATOM   355 C C   . LEU B 1 12 ? -4.254  2.431   4.782   1.00 27.92  ? 12  LEU B C   1 
ATOM   356 O O   . LEU B 1 12 ? -3.301  1.769   4.552   1.00 19.10  ? 12  LEU B O   1 
ATOM   357 C CB  . LEU B 1 12 ? -4.440  4.147   3.123   1.00 19.10  ? 12  LEU B CB  1 
ATOM   358 C CG  . LEU B 1 12 ? -5.098  4.806   1.930   1.00 19.10  ? 12  LEU B CG  1 
ATOM   359 C CD1 . LEU B 1 12 ? -4.282  6.009   1.496   1.00 19.10  ? 12  LEU B CD1 1 
ATOM   360 C CD2 . LEU B 1 12 ? -5.019  3.887   0.755   1.00 19.10  ? 12  LEU B CD2 1 
ATOM   361 N N   . LEU B 1 13 ? -4.422  2.760   6.001   1.00 37.20  ? 13  LEU B N   1 
ATOM   362 C CA  . LEU B 1 13 ? -3.417  2.203   6.821   1.00 37.20  ? 13  LEU B CA  1 
ATOM   363 C C   . LEU B 1 13 ? -3.844  0.796   7.158   1.00 37.20  ? 13  LEU B C   1 
ATOM   364 O O   . LEU B 1 13 ? -3.019  -0.055  7.505   1.00 51.78  ? 13  LEU B O   1 
ATOM   365 C CB  . LEU B 1 13 ? -3.210  3.097   8.025   1.00 51.78  ? 13  LEU B CB  1 
ATOM   366 C CG  . LEU B 1 13 ? -1.800  3.068   8.554   1.00 51.78  ? 13  LEU B CG  1 
ATOM   367 C CD1 . LEU B 1 13 ? -0.987  4.122   7.834   1.00 51.78  ? 13  LEU B CD1 1 
ATOM   368 C CD2 . LEU B 1 13 ? -1.840  3.330   10.067  1.00 51.78  ? 13  LEU B CD2 1 
ATOM   369 N N   . SER B 1 14 ? -5.136  0.505   7.024   1.00 48.52  ? 14  SER B N   1 
ATOM   370 C CA  . SER B 1 14 ? -5.590  -0.860  7.287   1.00 48.52  ? 14  SER B CA  1 
ATOM   371 C C   . SER B 1 14 ? -5.507  -1.858  6.072   1.00 48.52  ? 14  SER B C   1 
ATOM   372 O O   . SER B 1 14 ? -5.334  -3.068  6.306   1.00 51.08  ? 14  SER B O   1 
ATOM   373 C CB  . SER B 1 14 ? -6.913  -0.902  7.989   1.00 51.08  ? 14  SER B CB  1 
ATOM   374 O OG  . SER B 1 14 ? -7.884  -0.997  6.968   1.00 51.08  ? 14  SER B OG  1 
ATOM   375 N N   . LYS B 1 15 ? -5.686  -1.390  4.798   1.00 26.29  ? 15  LYS B N   1 
ATOM   376 C CA  . LYS B 1 15 ? -5.465  -2.149  3.584   1.00 26.29  ? 15  LYS B CA  1 
ATOM   377 C C   . LYS B 1 15 ? -3.996  -2.467  3.696   1.00 26.29  ? 15  LYS B C   1 
ATOM   378 O O   . LYS B 1 15 ? -3.617  -3.636  3.794   1.00 28.84  ? 15  LYS B O   1 
ATOM   379 C CB  . LYS B 1 15 ? -5.537  -1.334  2.305   1.00 28.84  ? 15  LYS B CB  1 
ATOM   380 C CG  . LYS B 1 15 ? -6.900  -0.775  1.983   1.00 28.84  ? 15  LYS B CG  1 
ATOM   381 C CD  . LYS B 1 15 ? -6.919  0.171   0.792   1.00 28.84  ? 15  LYS B CD  1 
ATOM   382 C CE  . LYS B 1 15 ? -8.258  0.141   0.049   1.00 28.84  ? 15  LYS B CE  1 
ATOM   383 N NZ  . LYS B 1 15 ? -8.208  0.487   -1.399  1.00 28.84  ? 15  LYS B NZ  1 
ATOM   384 N N   . ALA B 1 16 ? -3.158  -1.396  3.703   1.00 32.86  ? 16  ALA B N   1 
ATOM   385 C CA  . ALA B 1 16 ? -1.710  -1.504  3.845   1.00 32.86  ? 16  ALA B CA  1 
ATOM   386 C C   . ALA B 1 16 ? -1.184  -2.665  4.708   1.00 32.86  ? 16  ALA B C   1 
ATOM   387 O O   . ALA B 1 16 ? -0.244  -3.349  4.281   1.00 62.45  ? 16  ALA B O   1 
ATOM   388 C CB  . ALA B 1 16 ? -1.122  -0.233  4.410   1.00 62.45  ? 16  ALA B CB  1 
ATOM   389 N N   . TYR B 1 17 ? -1.706  -2.790  5.948   1.00 52.57  ? 17  TYR B N   1 
ATOM   390 C CA  . TYR B 1 17 ? -1.383  -3.799  6.963   1.00 52.57  ? 17  TYR B CA  1 
ATOM   391 C C   . TYR B 1 17 ? -1.742  -5.249  6.515   1.00 52.57  ? 17  TYR B C   1 
ATOM   392 O O   . TYR B 1 17 ? -0.984  -6.198  6.740   1.00 99.35  ? 17  TYR B O   1 
ATOM   393 C CB  . TYR B 1 17 ? -2.249  -3.413  8.179   1.00 99.35  ? 17  TYR B CB  1 
ATOM   394 C CG  . TYR B 1 17 ? -2.084  -4.151  9.497   1.00 99.35  ? 17  TYR B CG  1 
ATOM   395 C CD1 . TYR B 1 17 ? -0.824  -4.328  10.080  1.00 99.35  ? 17  TYR B CD1 1 
ATOM   396 C CD2 . TYR B 1 17 ? -3.209  -4.543  10.235  1.00 99.35  ? 17  TYR B CD2 1 
ATOM   397 C CE1 . TYR B 1 17 ? -0.668  -4.937  11.330  1.00 99.35  ? 17  TYR B CE1 1 
ATOM   398 C CE2 . TYR B 1 17 ? -3.071  -5.157  11.490  1.00 99.35  ? 17  TYR B CE2 1 
ATOM   399 C CZ  . TYR B 1 17 ? -1.802  -5.336  12.039  1.00 99.35  ? 17  TYR B CZ  1 
ATOM   400 O OH  . TYR B 1 17 ? -1.662  -5.930  13.263  1.00 99.35  ? 17  TYR B OH  1 
ATOM   401 N N   . HIS B 1 18 ? -2.945  -5.385  5.884   1.00 32.05  ? 18  HIS B N   1 
ATOM   402 C CA  . HIS B 1 18 ? -3.519  -6.635  5.393   1.00 32.05  ? 18  HIS B CA  1 
ATOM   403 C C   . HIS B 1 18 ? -2.680  -7.191  4.297   1.00 32.05  ? 18  HIS B C   1 
ATOM   404 O O   . HIS B 1 18 ? -2.506  -8.393  4.216   1.00 38.19  ? 18  HIS B O   1 
ATOM   405 C CB  . HIS B 1 18 ? -5.040  -6.620  5.073   1.00 38.19  ? 18  HIS B CB  1 
ATOM   406 C CG  . HIS B 1 18 ? -5.485  -7.622  4.018   1.00 38.19  ? 18  HIS B CG  1 
ATOM   407 N ND1 . HIS B 1 18 ? -6.136  -7.231  2.825   1.00 38.19  ? 18  HIS B ND1 1 
ATOM   408 C CD2 . HIS B 1 18 ? -5.403  -8.979  3.984   1.00 38.19  ? 18  HIS B CD2 1 
ATOM   409 C CE1 . HIS B 1 18 ? -6.351  -8.320  2.092   1.00 38.19  ? 18  HIS B CE1 1 
ATOM   410 N NE2 . HIS B 1 18 ? -5.946  -9.392  2.755   1.00 38.19  ? 18  HIS B NE2 1 
ATOM   411 N N   . LEU B 1 19 ? -2.102  -6.272  3.522   1.00 29.64  ? 19  LEU B N   1 
ATOM   412 C CA  . LEU B 1 19 ? -1.211  -6.605  2.428   1.00 29.64  ? 19  LEU B CA  1 
ATOM   413 C C   . LEU B 1 19 ? 0.165   -7.003  2.936   1.00 29.64  ? 19  LEU B C   1 
ATOM   414 O O   . LEU B 1 19 ? 0.841   -7.848  2.353   1.00 21.23  ? 19  LEU B O   1 
ATOM   415 C CB  . LEU B 1 19 ? -1.055  -5.437  1.474   1.00 21.23  ? 19  LEU B CB  1 
ATOM   416 C CG  . LEU B 1 19 ? -2.222  -5.197  0.547   1.00 21.23  ? 19  LEU B CG  1 
ATOM   417 C CD1 . LEU B 1 19 ? -1.813  -4.082  -0.402  1.00 21.23  ? 19  LEU B CD1 1 
ATOM   418 C CD2 . LEU B 1 19 ? -2.402  -6.416  -0.326  1.00 21.23  ? 19  LEU B CD2 1 
ATOM   419 N N   . GLU B 1 20 ? 0.603   -6.389  4.015   1.00 21.09  ? 20  GLU B N   1 
ATOM   420 C CA  . GLU B 1 20 ? 1.908   -6.773  4.505   1.00 21.09  ? 20  GLU B CA  1 
ATOM   421 C C   . GLU B 1 20 ? 1.880   -8.256  4.944   1.00 21.09  ? 20  GLU B C   1 
ATOM   422 O O   . GLU B 1 20 ? 2.769   -9.071  4.619   1.00 53.04  ? 20  GLU B O   1 
ATOM   423 C CB  . GLU B 1 20 ? 2.462   -5.831  5.606   1.00 53.04  ? 20  GLU B CB  1 
ATOM   424 C CG  . GLU B 1 20 ? 3.119   -4.505  5.116   1.00 53.04  ? 20  GLU B CG  1 
ATOM   425 C CD  . GLU B 1 20 ? 3.852   -3.713  6.195   1.00 53.04  ? 20  GLU B CD  1 
ATOM   426 O OE1 . GLU B 1 20 ? 3.322   -3.797  7.401   1.00 53.04  ? 20  GLU B OE1 1 
ATOM   427 O OE2 . GLU B 1 20 ? 4.859   -3.065  5.956   1.00 53.04  ? 20  GLU B OE2 1 
ATOM   428 N N   . ASN B 1 21 ? 0.826   -8.634  5.691   1.00 43.75  ? 21  ASN B N   1 
ATOM   429 C CA  . ASN B 1 21 ? 0.701   -10.011 6.104   1.00 43.75  ? 21  ASN B CA  1 
ATOM   430 C C   . ASN B 1 21 ? 0.801   -10.851 4.819   1.00 43.75  ? 21  ASN B C   1 
ATOM   431 O O   . ASN B 1 21 ? 1.868   -11.405 4.561   1.00 52.77  ? 21  ASN B O   1 
ATOM   432 C CB  . ASN B 1 21 ? -0.554  -10.206 6.966   1.00 52.77  ? 21  ASN B CB  1 
ATOM   433 C CG  . ASN B 1 21 ? -0.379  -9.804  8.449   1.00 52.77  ? 21  ASN B CG  1 
ATOM   434 O OD1 . ASN B 1 21 ? -0.839  -8.719  8.900   1.00 52.77  ? 21  ASN B OD1 1 
ATOM   435 N ND2 . ASN B 1 21 ? 0.236   -10.708 9.255   1.00 52.77  ? 21  ASN B ND2 1 
ATOM   436 N N   . GLU B 1 22 ? -0.248  -10.781 3.954   1.00 30.49  ? 22  GLU B N   1 
ATOM   437 C CA  . GLU B 1 22 ? -0.372  -11.359 2.584   1.00 30.49  ? 22  GLU B CA  1 
ATOM   438 C C   . GLU B 1 22 ? 0.924   -11.683 1.876   1.00 30.49  ? 22  GLU B C   1 
ATOM   439 O O   . GLU B 1 22 ? 1.003   -12.741 1.263   1.00 33.95  ? 22  GLU B O   1 
ATOM   440 C CB  . GLU B 1 22 ? -1.122  -10.423 1.604   1.00 33.95  ? 22  GLU B CB  1 
ATOM   441 C CG  . GLU B 1 22 ? -2.570  -10.817 1.272   1.00 33.95  ? 22  GLU B CG  1 
ATOM   442 C CD  . GLU B 1 22 ? -3.082  -11.763 2.297   1.00 33.95  ? 22  GLU B CD  1 
ATOM   443 O OE1 . GLU B 1 22 ? -3.206  -11.249 3.452   1.00 33.95  ? 22  GLU B OE1 1 
ATOM   444 O OE2 . GLU B 1 22 ? -3.275  -12.929 2.112   1.00 33.95  ? 22  GLU B OE2 1 
ATOM   445 N N   . VAL B 1 23 ? 1.886   -10.761 1.921   1.00 29.30  ? 23  VAL B N   1 
ATOM   446 C CA  . VAL B 1 23 ? 3.218   -10.898 1.276   1.00 29.30  ? 23  VAL B CA  1 
ATOM   447 C C   . VAL B 1 23 ? 4.294   -11.788 2.035   1.00 29.30  ? 23  VAL B C   1 
ATOM   448 O O   . VAL B 1 23 ? 5.412   -12.100 1.563   1.00 26.14  ? 23  VAL B O   1 
ATOM   449 C CB  . VAL B 1 23 ? 3.728   -9.508  0.903   1.00 26.14  ? 23  VAL B CB  1 
ATOM   450 C CG1 . VAL B 1 23 ? 5.229   -9.413  0.806   1.00 26.14  ? 23  VAL B CG1 1 
ATOM   451 C CG2 . VAL B 1 23 ? 3.077   -9.001  -0.383  1.00 26.14  ? 23  VAL B CG2 1 
ATOM   452 N N   . ALA B 1 24 ? 3.918   -12.199 3.249   1.00 50.10  ? 24  ALA B N   1 
ATOM   453 C CA  . ALA B 1 24 ? 4.693   -13.039 4.118   1.00 50.10  ? 24  ALA B CA  1 
ATOM   454 C C   . ALA B 1 24 ? 4.194   -14.471 3.979   1.00 50.10  ? 24  ALA B C   1 
ATOM   455 O O   . ALA B 1 24 ? 4.969   -15.404 3.797   1.00 68.73  ? 24  ALA B O   1 
ATOM   456 C CB  . ALA B 1 24 ? 4.474   -12.552 5.536   1.00 68.73  ? 24  ALA B CB  1 
ATOM   457 N N   . ARG B 1 25 ? 2.863   -14.633 4.073   1.00 37.18  ? 25  ARG B N   1 
ATOM   458 C CA  . ARG B 1 25 ? 2.232   -15.904 3.865   1.00 37.18  ? 25  ARG B CA  1 
ATOM   459 C C   . ARG B 1 25 ? 2.713   -16.292 2.458   1.00 37.18  ? 25  ARG B C   1 
ATOM   460 O O   . ARG B 1 25 ? 3.126   -17.427 2.208   1.00 60.28  ? 25  ARG B O   1 
ATOM   461 C CB  . ARG B 1 25 ? 0.697   -15.810 4.019   1.00 60.28  ? 25  ARG B CB  1 
ATOM   462 C CG  . ARG B 1 25 ? -0.124  -17.040 3.557   1.00 60.28  ? 25  ARG B CG  1 
ATOM   463 C CD  . ARG B 1 25 ? -0.902  -17.839 4.656   1.00 60.28  ? 25  ARG B CD  1 
ATOM   464 N NE  . ARG B 1 25 ? -1.977  -18.757 4.144   1.00 60.28  ? 25  ARG B NE  1 
ATOM   465 C CZ  . ARG B 1 25 ? -3.066  -19.301 4.786   1.00 60.28  ? 25  ARG B CZ  1 
ATOM   466 N NH1 . ARG B 1 25 ? -3.388  -19.148 6.083   1.00 60.28  ? 25  ARG B NH1 1 
ATOM   467 N NH2 . ARG B 1 25 ? -3.873  -20.067 4.061   1.00 60.28  ? 25  ARG B NH2 1 
ATOM   468 N N   . LEU B 1 26 ? 2.723   -15.313 1.525   1.00 35.92  ? 26  LEU B N   1 
ATOM   469 C CA  . LEU B 1 26 ? 3.140   -15.649 0.185   1.00 35.92  ? 26  LEU B CA  1 
ATOM   470 C C   . LEU B 1 26 ? 4.571   -16.119 0.201   1.00 35.92  ? 26  LEU B C   1 
ATOM   471 O O   . LEU B 1 26 ? 4.854   -17.150 -0.411  1.00 40.01  ? 26  LEU B O   1 
ATOM   472 C CB  . LEU B 1 26 ? 3.026   -14.529 -0.878  1.00 40.01  ? 26  LEU B CB  1 
ATOM   473 C CG  . LEU B 1 26 ? 1.668   -14.174 -1.502  1.00 40.01  ? 26  LEU B CG  1 
ATOM   474 C CD1 . LEU B 1 26 ? 1.801   -13.742 -2.982  1.00 40.01  ? 26  LEU B CD1 1 
ATOM   475 C CD2 . LEU B 1 26 ? 0.559   -15.193 -1.288  1.00 40.01  ? 26  LEU B CD2 1 
ATOM   476 N N   . LYS B 1 27 ? 5.422   -15.311 0.882   1.00 30.17  ? 27  LYS B N   1 
ATOM   477 C CA  . LYS B 1 27 ? 6.864   -15.447 1.027   1.00 30.17  ? 27  LYS B CA  1 
ATOM   478 C C   . LYS B 1 27 ? 7.317   -16.809 1.510   1.00 30.17  ? 27  LYS B C   1 
ATOM   479 O O   . LYS B 1 27 ? 8.381   -17.262 1.109   1.00 43.82  ? 27  LYS B O   1 
ATOM   480 C CB  . LYS B 1 27 ? 7.419   -14.383 1.925   1.00 43.82  ? 27  LYS B CB  1 
ATOM   481 C CG  . LYS B 1 27 ? 8.113   -13.252 1.200   1.00 43.82  ? 27  LYS B CG  1 
ATOM   482 C CD  . LYS B 1 27 ? 8.707   -12.238 2.197   1.00 43.82  ? 27  LYS B CD  1 
ATOM   483 C CE  . LYS B 1 27 ? 7.679   -11.524 3.101   1.00 43.82  ? 27  LYS B CE  1 
ATOM   484 N NZ  . LYS B 1 27 ? 8.244   -10.401 3.873   1.00 43.82  ? 27  LYS B NZ  1 
ATOM   485 N N   . LYS B 1 28 ? 6.447   -17.438 2.304   1.00 40.90  ? 28  LYS B N   1 
ATOM   486 C CA  . LYS B 1 28 ? 6.605   -18.753 2.875   1.00 40.90  ? 28  LYS B CA  1 
ATOM   487 C C   . LYS B 1 28 ? 6.175   -19.899 1.954   1.00 40.90  ? 28  LYS B C   1 
ATOM   488 O O   . LYS B 1 28 ? 6.929   -20.882 1.765   1.00 71.76  ? 28  LYS B O   1 
ATOM   489 C CB  . LYS B 1 28 ? 6.035   -18.864 4.265   1.00 71.76  ? 28  LYS B CB  1 
ATOM   490 C CG  . LYS B 1 28 ? 4.567   -18.560 4.313   1.00 71.76  ? 28  LYS B CG  1 
ATOM   491 C CD  . LYS B 1 28 ? 4.177   -18.135 5.701   1.00 71.76  ? 28  LYS B CD  1 
ATOM   492 C CE  . LYS B 1 28 ? 4.005   -19.331 6.619   1.00 71.76  ? 28  LYS B CE  1 
ATOM   493 N NZ  . LYS B 1 28 ? 5.079   -19.473 7.617   1.00 71.76  ? 28  LYS B NZ  1 
ATOM   494 N N   . LEU B 1 29 ? 4.996   -19.744 1.324   1.00 82.43  ? 29  LEU B N   1 
ATOM   495 C CA  . LEU B 1 29 ? 4.473   -20.694 0.339   1.00 82.43  ? 29  LEU B CA  1 
ATOM   496 C C   . LEU B 1 29 ? 5.282   -20.652 -0.967  1.00 82.43  ? 29  LEU B C   1 
ATOM   497 O O   . LEU B 1 29 ? 4.771   -20.968 -2.043  1.00 44.44  ? 29  LEU B O   1 
ATOM   498 C CB  . LEU B 1 29 ? 2.991   -20.437 0.039   1.00 44.44  ? 29  LEU B CB  1 
ATOM   499 C CG  . LEU B 1 29 ? 2.136   -20.301 1.292   1.00 44.44  ? 29  LEU B CG  1 
ATOM   500 C CD1 . LEU B 1 29 ? 0.701   -20.720 0.972   1.00 44.44  ? 29  LEU B CD1 1 
ATOM   501 C CD2 . LEU B 1 29 ? 2.683   -21.137 2.453   1.00 44.44  ? 29  LEU B CD2 1 
ATOM   502 N N   . VAL B 1 30 ? 6.545   -20.214 -0.813  1.00 47.50  ? 30  VAL B N   1 
ATOM   503 C CA  . VAL B 1 30 ? 7.618   -20.086 -1.807  1.00 47.50  ? 30  VAL B CA  1 
ATOM   504 C C   . VAL B 1 30 ? 8.952   -19.999 -1.049  1.00 47.50  ? 30  VAL B C   1 
ATOM   505 O O   . VAL B 1 30 ? 10.045  -20.180 -1.594  1.00 53.40  ? 30  VAL B O   1 
ATOM   506 C CB  . VAL B 1 30 ? 7.466   -18.897 -2.732  1.00 53.40  ? 30  VAL B CB  1 
ATOM   507 C CG1 . VAL B 1 30 ? 8.452   -19.078 -3.887  1.00 53.40  ? 30  VAL B CG1 1 
ATOM   508 C CG2 . VAL B 1 30 ? 6.038   -18.811 -3.264  1.00 53.40  ? 30  VAL B CG2 1 
ATOM   509 N N   . ARG C 1 1  ? -1.059  22.394  -1.840  1.00 54.20  ? 1   ARG C N   1 
ATOM   510 C CA  . ARG C 1 1  ? -0.912  22.052  -0.416  1.00 54.20  ? 1   ARG C CA  1 
ATOM   511 C C   . ARG C 1 1  ? -1.586  20.719  -0.102  1.00 54.20  ? 1   ARG C C   1 
ATOM   512 O O   . ARG C 1 1  ? -0.948  19.682  0.197   1.00 60.35  ? 1   ARG C O   1 
ATOM   513 C CB  . ARG C 1 1  ? -1.499  23.145  0.485   1.00 60.35  ? 1   ARG C CB  1 
ATOM   514 N N   . MET C 1 2  ? -2.924  20.806  -0.221  1.00 100.00 ? 2   MET C N   1 
ATOM   515 C CA  . MET C 1 2  ? -3.888  19.734  -0.020  1.00 100.00 ? 2   MET C CA  1 
ATOM   516 C C   . MET C 1 2  ? -4.371  19.151  -1.353  1.00 100.00 ? 2   MET C C   1 
ATOM   517 O O   . MET C 1 2  ? -4.784  17.995  -1.459  1.00 89.57  ? 2   MET C O   1 
ATOM   518 C CB  . MET C 1 2  ? -5.003  20.230  0.902   1.00 89.57  ? 2   MET C CB  1 
ATOM   519 C CG  . MET C 1 2  ? -4.397  20.955  2.093   1.00 89.57  ? 2   MET C CG  1 
ATOM   520 S SD  . MET C 1 2  ? -2.842  20.201  2.674   1.00 89.57  ? 2   MET C SD  1 
ATOM   521 C CE  . MET C 1 2  ? -3.056  20.423  4.450   1.00 89.57  ? 2   MET C CE  1 
ATOM   522 N N   . LYS C 1 3  ? -4.269  19.961  -2.396  1.00 76.63  ? 3   LYS C N   1 
ATOM   523 C CA  . LYS C 1 3  ? -4.547  19.478  -3.720  1.00 76.63  ? 3   LYS C CA  1 
ATOM   524 C C   . LYS C 1 3  ? -3.299  18.689  -4.088  1.00 76.63  ? 3   LYS C C   1 
ATOM   525 O O   . LYS C 1 3  ? -3.226  17.955  -5.092  1.00 30.98  ? 3   LYS C O   1 
ATOM   526 C CB  . LYS C 1 3  ? -4.713  20.605  -4.719  1.00 30.98  ? 3   LYS C CB  1 
ATOM   527 C CG  . LYS C 1 3  ? -5.756  20.308  -5.781  1.00 30.98  ? 3   LYS C CG  1 
ATOM   528 C CD  . LYS C 1 3  ? -5.333  20.765  -7.172  1.00 30.98  ? 3   LYS C CD  1 
ATOM   529 C CE  . LYS C 1 3  ? -6.557  20.853  -8.111  1.00 30.98  ? 3   LYS C CE  1 
ATOM   530 N NZ  . LYS C 1 3  ? -6.591  21.999  -9.065  1.00 30.98  ? 3   LYS C NZ  1 
ATOM   531 N N   . GLN C 1 4  ? -2.296  18.900  -3.228  1.00 100.00 ? 4   GLN C N   1 
ATOM   532 C CA  . GLN C 1 4  ? -0.992  18.273  -3.324  1.00 100.00 ? 4   GLN C CA  1 
ATOM   533 C C   . GLN C 1 4  ? -0.970  16.984  -2.522  1.00 100.00 ? 4   GLN C C   1 
ATOM   534 O O   . GLN C 1 4  ? -0.317  15.997  -2.954  1.00 61.69  ? 4   GLN C O   1 
ATOM   535 C CB  . GLN C 1 4  ? 0.132   19.236  -2.923  1.00 61.69  ? 4   GLN C CB  1 
ATOM   536 C CG  . GLN C 1 4  ? 0.551   20.274  -4.025  1.00 61.69  ? 4   GLN C CG  1 
ATOM   537 C CD  . GLN C 1 4  ? -0.212  20.233  -5.363  1.00 61.69  ? 4   GLN C CD  1 
ATOM   538 O OE1 . GLN C 1 4  ? -0.484  19.146  -5.932  1.00 61.69  ? 4   GLN C OE1 1 
ATOM   539 N NE2 . GLN C 1 4  ? -0.519  21.438  -5.895  1.00 61.69  ? 4   GLN C NE2 1 
ATOM   540 N N   . LEU C 1 5  ? -1.759  17.054  -1.406  1.00 47.97  ? 5   LEU C N   1 
ATOM   541 C CA  . LEU C 1 5  ? -2.071  15.976  -0.423  1.00 47.97  ? 5   LEU C CA  1 
ATOM   542 C C   . LEU C 1 5  ? -3.245  15.039  -0.785  1.00 47.97  ? 5   LEU C C   1 
ATOM   543 O O   . LEU C 1 5  ? -3.242  13.857  -0.421  1.00 38.87  ? 5   LEU C O   1 
ATOM   544 C CB  . LEU C 1 5  ? -2.240  16.459  1.028   1.00 38.87  ? 5   LEU C CB  1 
ATOM   545 C CG  . LEU C 1 5  ? -1.376  15.690  2.014   1.00 38.87  ? 5   LEU C CG  1 
ATOM   546 C CD1 . LEU C 1 5  ? -0.034  16.425  2.123   1.00 38.87  ? 5   LEU C CD1 1 
ATOM   547 C CD2 . LEU C 1 5  ? -2.103  15.613  3.374   1.00 38.87  ? 5   LEU C CD2 1 
ATOM   548 N N   . GLU C 1 6  ? -4.254  15.563  -1.466  1.00 100.00 ? 6   GLU C N   1 
ATOM   549 C CA  . GLU C 1 6  ? -5.357  14.725  -1.935  1.00 100.00 ? 6   GLU C CA  1 
ATOM   550 C C   . GLU C 1 6  ? -4.814  14.082  -3.223  1.00 100.00 ? 6   GLU C C   1 
ATOM   551 O O   . GLU C 1 6  ? -5.464  13.279  -3.913  1.00 69.40  ? 6   GLU C O   1 
ATOM   552 C CB  . GLU C 1 6  ? -6.703  15.490  -2.177  1.00 69.40  ? 6   GLU C CB  1 
ATOM   553 C CG  . GLU C 1 6  ? -7.777  15.483  -1.041  1.00 69.40  ? 6   GLU C CG  1 
ATOM   554 C CD  . GLU C 1 6  ? -8.661  16.704  -1.109  1.00 69.40  ? 6   GLU C CD  1 
ATOM   555 O OE1 . GLU C 1 6  ? -8.242  17.817  -1.009  1.00 69.40  ? 6   GLU C OE1 1 
ATOM   556 O OE2 . GLU C 1 6  ? -9.937  16.460  -1.148  1.00 69.40  ? 6   GLU C OE2 1 
ATOM   557 N N   . ASP C 1 7  ? -3.571  14.521  -3.506  1.00 97.35  ? 7   ASP C N   1 
ATOM   558 C CA  . ASP C 1 7  ? -2.730  14.073  -4.602  1.00 97.35  ? 7   ASP C CA  1 
ATOM   559 C C   . ASP C 1 7  ? -1.801  13.041  -4.050  1.00 97.35  ? 7   ASP C C   1 
ATOM   560 O O   . ASP C 1 7  ? -1.454  12.057  -4.701  1.00 50.50  ? 7   ASP C O   1 
ATOM   561 C CB  . ASP C 1 7  ? -1.935  15.181  -5.300  1.00 50.50  ? 7   ASP C CB  1 
ATOM   562 C CG  . ASP C 1 7  ? -2.710  15.614  -6.497  1.00 50.50  ? 7   ASP C CG  1 
ATOM   563 O OD1 . ASP C 1 7  ? -3.956  15.641  -6.475  1.00 50.50  ? 7   ASP C OD1 1 
ATOM   564 O OD2 . ASP C 1 7  ? -1.940  15.971  -7.518  1.00 50.50  ? 7   ASP C OD2 1 
ATOM   565 N N   . LYS C 1 8  ? -1.422  13.258  -2.804  1.00 39.69  ? 8   LYS C N   1 
ATOM   566 C CA  . LYS C 1 8  ? -0.624  12.217  -2.232  1.00 39.69  ? 8   LYS C CA  1 
ATOM   567 C C   . LYS C 1 8  ? -1.588  11.074  -2.053  1.00 39.69  ? 8   LYS C C   1 
ATOM   568 O O   . LYS C 1 8  ? -1.521  10.066  -2.746  1.00 45.16  ? 8   LYS C O   1 
ATOM   569 C CB  . LYS C 1 8  ? 0.112   12.570  -0.971  1.00 45.16  ? 8   LYS C CB  1 
ATOM   570 C CG  . LYS C 1 8  ? 1.604   12.343  -1.129  1.00 45.16  ? 8   LYS C CG  1 
ATOM   571 C CD  . LYS C 1 8  ? 2.063   12.144  -2.569  1.00 45.16  ? 8   LYS C CD  1 
ATOM   572 C CE  . LYS C 1 8  ? 3.145   13.122  -2.982  1.00 45.16  ? 8   LYS C CE  1 
ATOM   573 N NZ  . LYS C 1 8  ? 2.989   13.601  -4.362  1.00 45.16  ? 8   LYS C NZ  1 
ATOM   574 N N   . VAL C 1 9  ? -2.581  11.272  -1.212  1.00 31.03  ? 9   VAL C N   1 
ATOM   575 C CA  . VAL C 1 9  ? -3.551  10.201  -1.142  1.00 31.03  ? 9   VAL C CA  1 
ATOM   576 C C   . VAL C 1 9  ? -4.031  9.696   -2.537  1.00 31.03  ? 9   VAL C C   1 
ATOM   577 O O   . VAL C 1 9  ? -4.546  8.593   -2.629  1.00 41.00  ? 9   VAL C O   1 
ATOM   578 C CB  . VAL C 1 9  ? -4.654  10.559  -0.183  1.00 41.00  ? 9   VAL C CB  1 
ATOM   579 C CG1 . VAL C 1 9  ? -5.584  9.381   0.101   1.00 41.00  ? 9   VAL C CG1 1 
ATOM   580 C CG2 . VAL C 1 9  ? -3.959  11.053  1.082   1.00 41.00  ? 9   VAL C CG2 1 
ATOM   581 N N   . GLU C 1 10 ? -3.830  10.487  -3.619  1.00 32.35  ? 10  GLU C N   1 
ATOM   582 C CA  . GLU C 1 10 ? -4.179  10.152  -4.998  1.00 32.35  ? 10  GLU C CA  1 
ATOM   583 C C   . GLU C 1 10 ? -3.328  9.023   -5.646  1.00 32.35  ? 10  GLU C C   1 
ATOM   584 O O   . GLU C 1 10 ? -3.893  8.174   -6.397  1.00 43.53  ? 10  GLU C O   1 
ATOM   585 C CB  . GLU C 1 10 ? -4.040  11.411  -5.865  1.00 43.53  ? 10  GLU C CB  1 
ATOM   586 C CG  . GLU C 1 10 ? -3.899  11.135  -7.360  1.00 43.53  ? 10  GLU C CG  1 
ATOM   587 C CD  . GLU C 1 10 ? -3.003  12.121  -8.075  1.00 43.53  ? 10  GLU C CD  1 
ATOM   588 O OE1 . GLU C 1 10 ? -1.895  12.491  -7.675  1.00 43.53  ? 10  GLU C OE1 1 
ATOM   589 O OE2 . GLU C 1 10 ? -3.517  12.512  -9.224  1.00 43.53  ? 10  GLU C OE2 1 
ATOM   590 N N   . GLU C 1 11 ? -1.977  9.090   -5.398  1.00 18.66  ? 11  GLU C N   1 
ATOM   591 C CA  . GLU C 1 11 ? -0.889  8.214   -5.804  1.00 18.66  ? 11  GLU C CA  1 
ATOM   592 C C   . GLU C 1 11 ? -0.997  6.892   -5.040  1.00 18.66  ? 11  GLU C C   1 
ATOM   593 O O   . GLU C 1 11 ? -0.871  5.847   -5.656  1.00 69.19  ? 11  GLU C O   1 
ATOM   594 C CB  . GLU C 1 11 ? 0.444   8.831   -5.382  1.00 69.19  ? 11  GLU C CB  1 
ATOM   595 C CG  . GLU C 1 11 ? 1.204   9.527   -6.497  1.00 69.19  ? 11  GLU C CG  1 
ATOM   596 C CD  . GLU C 1 11 ? 1.418   10.975  -6.178  1.00 69.19  ? 11  GLU C CD  1 
ATOM   597 O OE1 . GLU C 1 11 ? 1.138   11.462  -5.098  1.00 69.19  ? 11  GLU C OE1 1 
ATOM   598 O OE2 . GLU C 1 11 ? 1.897   11.661  -7.193  1.00 69.19  ? 11  GLU C OE2 1 
ATOM   599 N N   . LEU C 1 12 ? -1.202  6.968   -3.669  1.00 22.62  ? 12  LEU C N   1 
ATOM   600 C CA  . LEU C 1 12 ? -1.334  5.788   -2.762  1.00 22.62  ? 12  LEU C CA  1 
ATOM   601 C C   . LEU C 1 12 ? -2.554  4.900   -3.004  1.00 22.62  ? 12  LEU C C   1 
ATOM   602 O O   . LEU C 1 12 ? -2.641  3.826   -2.494  1.00 21.94  ? 12  LEU C O   1 
ATOM   603 C CB  . LEU C 1 12 ? -1.353  6.116   -1.241  1.00 21.94  ? 12  LEU C CB  1 
ATOM   604 C CG  . LEU C 1 12 ? -0.143  6.899   -0.750  1.00 21.94  ? 12  LEU C CG  1 
ATOM   605 C CD1 . LEU C 1 12 ? -0.026  6.957   0.770   1.00 21.94  ? 12  LEU C CD1 1 
ATOM   606 C CD2 . LEU C 1 12 ? 1.080   6.262   -1.412  1.00 21.94  ? 12  LEU C CD2 1 
ATOM   607 N N   . LEU C 1 13 ? -3.543  5.439   -3.657  1.00 33.04  ? 13  LEU C N   1 
ATOM   608 C CA  . LEU C 1 13 ? -4.792  4.777   -3.950  1.00 33.04  ? 13  LEU C CA  1 
ATOM   609 C C   . LEU C 1 13 ? -4.580  3.921   -5.189  1.00 33.04  ? 13  LEU C C   1 
ATOM   610 O O   . LEU C 1 13 ? -4.850  2.705   -5.236  1.00 33.77  ? 13  LEU C O   1 
ATOM   611 C CB  . LEU C 1 13 ? -5.927  5.822   -4.111  1.00 33.77  ? 13  LEU C CB  1 
ATOM   612 C CG  . LEU C 1 13 ? -6.524  6.124   -2.751  1.00 33.77  ? 13  LEU C CG  1 
ATOM   613 C CD1 . LEU C 1 13 ? -8.041  6.368   -2.730  1.00 33.77  ? 13  LEU C CD1 1 
ATOM   614 C CD2 . LEU C 1 13 ? -6.154  4.946   -1.857  1.00 33.77  ? 13  LEU C CD2 1 
ATOM   615 N N   . SER C 1 14 ? -4.037  4.608   -6.184  1.00 11.34  ? 14  SER C N   1 
ATOM   616 C CA  . SER C 1 14 ? -3.720  4.007   -7.417  1.00 11.34  ? 14  SER C CA  1 
ATOM   617 C C   . SER C 1 14 ? -2.855  2.824   -7.117  1.00 11.34  ? 14  SER C C   1 
ATOM   618 O O   . SER C 1 14 ? -3.166  1.732   -7.590  1.00 35.57  ? 14  SER C O   1 
ATOM   619 C CB  . SER C 1 14 ? -3.083  4.948   -8.420  1.00 35.57  ? 14  SER C CB  1 
ATOM   620 O OG  . SER C 1 14 ? -2.469  4.253   -9.499  1.00 35.57  ? 14  SER C OG  1 
ATOM   621 N N   . LYS C 1 15 ? -1.921  2.994   -6.191  1.00 17.40  ? 15  LYS C N   1 
ATOM   622 C CA  . LYS C 1 15 ? -0.943  1.947   -5.879  1.00 17.40  ? 15  LYS C CA  1 
ATOM   623 C C   . LYS C 1 15 ? -1.485  0.750   -5.140  1.00 17.40  ? 15  LYS C C   1 
ATOM   624 O O   . LYS C 1 15 ? -1.013  -0.330  -5.397  1.00 43.81  ? 15  LYS C O   1 
ATOM   625 C CB  . LYS C 1 15 ? 0.318   2.394   -5.141  1.00 43.81  ? 15  LYS C CB  1 
ATOM   626 C CG  . LYS C 1 15 ? 1.173   3.498   -5.710  1.00 43.81  ? 15  LYS C CG  1 
ATOM   627 C CD  . LYS C 1 15 ? 2.149   3.930   -4.630  1.00 43.81  ? 15  LYS C CD  1 
ATOM   628 C CE  . LYS C 1 15 ? 3.217   4.886   -5.105  1.00 43.81  ? 15  LYS C CE  1 
ATOM   629 N NZ  . LYS C 1 15 ? 4.310   4.185   -5.795  1.00 43.81  ? 15  LYS C NZ  1 
ATOM   630 N N   . ALA C 1 16 ? -2.355  0.955   -4.156  1.00 20.70  ? 16  ALA C N   1 
ATOM   631 C CA  . ALA C 1 16 ? -2.895  -0.126  -3.387  1.00 20.70  ? 16  ALA C CA  1 
ATOM   632 C C   . ALA C 1 16 ? -3.886  -0.897  -4.274  1.00 20.70  ? 16  ALA C C   1 
ATOM   633 O O   . ALA C 1 16 ? -4.043  -2.114  -4.180  1.00 27.30  ? 16  ALA C O   1 
ATOM   634 C CB  . ALA C 1 16 ? -3.587  0.429   -2.163  1.00 27.30  ? 16  ALA C CB  1 
ATOM   635 N N   . TYR C 1 17 ? -4.560  -0.205  -5.190  1.00 38.57  ? 17  TYR C N   1 
ATOM   636 C CA  . TYR C 1 17 ? -5.388  -0.966  -6.076  1.00 38.57  ? 17  TYR C CA  1 
ATOM   637 C C   . TYR C 1 17 ? -4.525  -1.970  -6.919  1.00 38.57  ? 17  TYR C C   1 
ATOM   638 O O   . TYR C 1 17 ? -4.863  -3.136  -6.983  1.00 21.00  ? 17  TYR C O   1 
ATOM   639 C CB  . TYR C 1 17 ? -6.267  -0.007  -6.891  1.00 21.00  ? 17  TYR C CB  1 
ATOM   640 C CG  . TYR C 1 17 ? -6.837  -0.530  -8.214  1.00 21.00  ? 17  TYR C CG  1 
ATOM   641 C CD1 . TYR C 1 17 ? -7.984  -1.327  -8.230  1.00 21.00  ? 17  TYR C CD1 1 
ATOM   642 C CD2 . TYR C 1 17 ? -6.279  -0.102  -9.427  1.00 21.00  ? 17  TYR C CD2 1 
ATOM   643 C CE1 . TYR C 1 17 ? -8.497  -1.800  -9.439  1.00 21.00  ? 17  TYR C CE1 1 
ATOM   644 C CE2 . TYR C 1 17 ? -6.746  -0.545  -10.660 1.00 21.00  ? 17  TYR C CE2 1 
ATOM   645 C CZ  . TYR C 1 17 ? -7.861  -1.393  -10.622 1.00 21.00  ? 17  TYR C CZ  1 
ATOM   646 O OH  . TYR C 1 17 ? -8.355  -1.862  -11.809 1.00 21.00  ? 17  TYR C OH  1 
ATOM   647 N N   . HIS C 1 18 ? -3.394  -1.550  -7.570  1.00 19.35  ? 18  HIS C N   1 
ATOM   648 C CA  . HIS C 1 18 ? -2.547  -2.420  -8.349  1.00 19.35  ? 18  HIS C CA  1 
ATOM   649 C C   . HIS C 1 18 ? -1.941  -3.485  -7.440  1.00 19.35  ? 18  HIS C C   1 
ATOM   650 O O   . HIS C 1 18 ? -1.718  -4.619  -7.831  1.00 67.08  ? 18  HIS C O   1 
ATOM   651 C CB  . HIS C 1 18 ? -1.412  -1.706  -9.105  1.00 67.08  ? 18  HIS C CB  1 
ATOM   652 C CG  . HIS C 1 18 ? -1.855  -0.675  -10.119 1.00 67.08  ? 18  HIS C CG  1 
ATOM   653 N ND1 . HIS C 1 18 ? -1.747  -0.870  -11.486 1.00 67.08  ? 18  HIS C ND1 1 
ATOM   654 C CD2 . HIS C 1 18 ? -2.318  0.601   -9.942  1.00 67.08  ? 18  HIS C CD2 1 
ATOM   655 C CE1 . HIS C 1 18 ? -2.226  0.238   -12.067 1.00 67.08  ? 18  HIS C CE1 1 
ATOM   656 N NE2 . HIS C 1 18 ? -2.557  1.158   -11.167 1.00 67.08  ? 18  HIS C NE2 1 
ATOM   657 N N   . LEU C 1 19 ? -1.709  -3.151  -6.187  1.00 17.59  ? 19  LEU C N   1 
ATOM   658 C CA  . LEU C 1 19 ? -1.089  -4.040  -5.254  1.00 17.59  ? 19  LEU C CA  1 
ATOM   659 C C   . LEU C 1 19 ? -2.073  -5.048  -4.769  1.00 17.59  ? 19  LEU C C   1 
ATOM   660 O O   . LEU C 1 19 ? -1.858  -5.826  -3.853  1.00 16.92  ? 19  LEU C O   1 
ATOM   661 C CB  . LEU C 1 19 ? -0.476  -3.227  -4.097  1.00 16.92  ? 19  LEU C CB  1 
ATOM   662 C CG  . LEU C 1 19 ? 0.870   -2.583  -4.486  1.00 16.92  ? 19  LEU C CG  1 
ATOM   663 C CD1 . LEU C 1 19 ? 1.643   -2.214  -3.236  1.00 16.92  ? 19  LEU C CD1 1 
ATOM   664 C CD2 . LEU C 1 19 ? 1.664   -3.618  -5.201  1.00 16.92  ? 19  LEU C CD2 1 
ATOM   665 N N   . GLU C 1 20 ? -3.269  -5.019  -5.296  1.00 30.26  ? 20  GLU C N   1 
ATOM   666 C CA  . GLU C 1 20 ? -4.118  -6.069  -4.795  1.00 30.26  ? 20  GLU C CA  1 
ATOM   667 C C   . GLU C 1 20 ? -4.541  -6.943  -5.920  1.00 30.26  ? 20  GLU C C   1 
ATOM   668 O O   . GLU C 1 20 ? -4.818  -8.097  -5.705  1.00 30.65  ? 20  GLU C O   1 
ATOM   669 C CB  . GLU C 1 20 ? -5.212  -5.766  -3.798  1.00 30.65  ? 20  GLU C CB  1 
ATOM   670 C CG  . GLU C 1 20 ? -5.021  -4.500  -3.041  1.00 30.65  ? 20  GLU C CG  1 
ATOM   671 C CD  . GLU C 1 20 ? -6.195  -3.611  -3.296  1.00 30.65  ? 20  GLU C CD  1 
ATOM   672 O OE1 . GLU C 1 20 ? -6.419  -3.126  -4.426  1.00 30.65  ? 20  GLU C OE1 1 
ATOM   673 O OE2 . GLU C 1 20 ? -6.859  -3.340  -2.150  1.00 30.65  ? 20  GLU C OE2 1 
ATOM   674 N N   . ASN C 1 21 ? -4.433  -6.320  -7.086  1.00 12.47  ? 21  ASN C N   1 
ATOM   675 C CA  . ASN C 1 21 ? -4.716  -6.912  -8.342  1.00 12.47  ? 21  ASN C CA  1 
ATOM   676 C C   . ASN C 1 21 ? -3.542  -7.794  -8.690  1.00 12.47  ? 21  ASN C C   1 
ATOM   677 O O   . ASN C 1 21 ? -3.500  -8.402  -9.783  1.00 33.32  ? 21  ASN C O   1 
ATOM   678 C CB  . ASN C 1 21 ? -4.958  -5.886  -9.465  1.00 33.32  ? 21  ASN C CB  1 
ATOM   679 C CG  . ASN C 1 21 ? -6.239  -5.035  -9.289  1.00 33.32  ? 21  ASN C CG  1 
ATOM   680 O OD1 . ASN C 1 21 ? -6.862  -5.020  -8.199  1.00 33.32  ? 21  ASN C OD1 1 
ATOM   681 N ND2 . ASN C 1 21 ? -6.641  -4.361  -10.382 1.00 33.32  ? 21  ASN C ND2 1 
ATOM   682 N N   . GLU C 1 22 ? -2.598  -7.883  -7.757  1.00 19.04  ? 22  GLU C N   1 
ATOM   683 C CA  . GLU C 1 22 ? -1.377  -8.635  -8.009  1.00 19.04  ? 22  GLU C CA  1 
ATOM   684 C C   . GLU C 1 22 ? -1.056  -9.565  -6.878  1.00 19.04  ? 22  GLU C C   1 
ATOM   685 O O   . GLU C 1 22 ? -0.745  -10.735 -7.016  1.00 30.88  ? 22  GLU C O   1 
ATOM   686 C CB  . GLU C 1 22 ? -0.243  -7.659  -8.265  1.00 30.88  ? 22  GLU C CB  1 
ATOM   687 C CG  . GLU C 1 22 ? -0.127  -7.309  -9.752  1.00 30.88  ? 22  GLU C CG  1 
ATOM   688 C CD  . GLU C 1 22 ? 0.998   -6.399  -9.773  1.00 30.88  ? 22  GLU C CD  1 
ATOM   689 O OE1 . GLU C 1 22 ? 1.187   -5.763  -8.784  1.00 30.88  ? 22  GLU C OE1 1 
ATOM   690 O OE2 . GLU C 1 22 ? 1.839   -6.488  -10.779 1.00 30.88  ? 22  GLU C OE2 1 
ATOM   691 N N   . VAL C 1 23 ? -1.257  -9.052  -5.720  1.00 13.59  ? 23  VAL C N   1 
ATOM   692 C CA  . VAL C 1 23 ? -1.033  -9.912  -4.647  1.00 13.59  ? 23  VAL C CA  1 
ATOM   693 C C   . VAL C 1 23 ? -2.125  -10.948 -4.778  1.00 13.59  ? 23  VAL C C   1 
ATOM   694 O O   . VAL C 1 23 ? -2.032  -12.057 -4.277  1.00 18.52  ? 23  VAL C O   1 
ATOM   695 C CB  . VAL C 1 23 ? -0.964  -9.271  -3.277  1.00 18.52  ? 23  VAL C CB  1 
ATOM   696 C CG1 . VAL C 1 23 ? -0.912  -10.433 -2.319  1.00 18.52  ? 23  VAL C CG1 1 
ATOM   697 C CG2 . VAL C 1 23 ? 0.313   -8.462  -3.010  1.00 18.52  ? 23  VAL C CG2 1 
ATOM   698 N N   . ALA C 1 24 ? -3.195  -10.601 -5.462  1.00 66.45  ? 24  ALA C N   1 
ATOM   699 C CA  . ALA C 1 24 ? -4.249  -11.562 -5.653  1.00 66.45  ? 24  ALA C CA  1 
ATOM   700 C C   . ALA C 1 24 ? -4.082  -12.352 -6.923  1.00 66.45  ? 24  ALA C C   1 
ATOM   701 O O   . ALA C 1 24 ? -4.888  -13.193 -7.171  1.00 23.85  ? 24  ALA C O   1 
ATOM   702 C CB  . ALA C 1 24 ? -5.637  -10.976 -5.516  1.00 23.85  ? 24  ALA C CB  1 
ATOM   703 N N   . ARG C 1 25 ? -3.039  -12.093 -7.711  1.00 47.56  ? 25  ARG C N   1 
ATOM   704 C CA  . ARG C 1 25 ? -2.707  -12.895 -8.885  1.00 47.56  ? 25  ARG C CA  1 
ATOM   705 C C   . ARG C 1 25 ? -1.811  -14.055 -8.403  1.00 47.56  ? 25  ARG C C   1 
ATOM   706 O O   . ARG C 1 25 ? -2.188  -15.260 -8.339  1.00 38.59  ? 25  ARG C O   1 
ATOM   707 C CB  . ARG C 1 25 ? -2.092  -12.100 -10.034 1.00 38.59  ? 25  ARG C CB  1 
ATOM   708 C CG  . ARG C 1 25 ? -3.124  -11.906 -11.169 1.00 38.59  ? 25  ARG C CG  1 
ATOM   709 C CD  . ARG C 1 25 ? -2.668  -11.037 -12.337 1.00 38.59  ? 25  ARG C CD  1 
ATOM   710 N NE  . ARG C 1 25 ? -1.458  -11.573 -12.903 1.00 38.59  ? 25  ARG C NE  1 
ATOM   711 C CZ  . ARG C 1 25 ? -1.388  -12.130 -14.125 1.00 38.59  ? 25  ARG C CZ  1 
ATOM   712 N NH1 . ARG C 1 25 ? -2.437  -12.189 -14.947 1.00 38.59  ? 25  ARG C NH1 1 
ATOM   713 N NH2 . ARG C 1 25 ? -0.223  -12.633 -14.568 1.00 38.59  ? 25  ARG C NH2 1 
ATOM   714 N N   . LEU C 1 26 ? -0.635  -13.647 -7.949  1.00 18.68  ? 26  LEU C N   1 
ATOM   715 C CA  . LEU C 1 26 ? 0.265   -14.543 -7.321  1.00 18.68  ? 26  LEU C CA  1 
ATOM   716 C C   . LEU C 1 26 ? -0.541  -15.602 -6.593  1.00 18.68  ? 26  LEU C C   1 
ATOM   717 O O   . LEU C 1 26 ? -0.634  -16.747 -7.009  1.00 43.58  ? 26  LEU C O   1 
ATOM   718 C CB  . LEU C 1 26 ? 0.986   -13.704 -6.285  1.00 43.58  ? 26  LEU C CB  1 
ATOM   719 C CG  . LEU C 1 26 ? 1.951   -12.716 -6.928  1.00 43.58  ? 26  LEU C CG  1 
ATOM   720 C CD1 . LEU C 1 26 ? 2.764   -12.029 -5.806  1.00 43.58  ? 26  LEU C CD1 1 
ATOM   721 C CD2 . LEU C 1 26 ? 2.844   -13.457 -7.950  1.00 43.58  ? 26  LEU C CD2 1 
ATOM   722 N N   . LYS C 1 27 ? -1.136  -15.168 -5.510  1.00 15.59  ? 27  LYS C N   1 
ATOM   723 C CA  . LYS C 1 27 ? -1.978  -15.984 -4.621  1.00 15.59  ? 27  LYS C CA  1 
ATOM   724 C C   . LYS C 1 27 ? -2.730  -17.084 -5.364  1.00 15.59  ? 27  LYS C C   1 
ATOM   725 O O   . LYS C 1 27 ? -2.690  -18.214 -4.956  1.00 49.24  ? 27  LYS C O   1 
ATOM   726 C CB  . LYS C 1 27 ? -2.879  -15.142 -3.698  1.00 49.24  ? 27  LYS C CB  1 
ATOM   727 C CG  . LYS C 1 27 ? -4.249  -15.723 -3.361  1.00 49.24  ? 27  LYS C CG  1 
ATOM   728 C CD  . LYS C 1 27 ? -5.221  -14.779 -2.625  1.00 49.24  ? 27  LYS C CD  1 
ATOM   729 C CE  . LYS C 1 27 ? -5.356  -15.124 -1.129  1.00 49.24  ? 27  LYS C CE  1 
ATOM   730 N NZ  . LYS C 1 27 ? -6.679  -14.866 -0.500  1.00 49.24  ? 27  LYS C NZ  1 
ATOM   731 N N   . LYS C 1 28 ? -3.368  -16.740 -6.463  1.00 37.13  ? 28  LYS C N   1 
ATOM   732 C CA  . LYS C 1 28 ? -4.053  -17.723 -7.212  1.00 37.13  ? 28  LYS C CA  1 
ATOM   733 C C   . LYS C 1 28 ? -3.038  -18.668 -7.839  1.00 37.13  ? 28  LYS C C   1 
ATOM   734 O O   . LYS C 1 28 ? -3.020  -19.867 -7.477  1.00 50.67  ? 28  LYS C O   1 
ATOM   735 C CB  . LYS C 1 28 ? -5.014  -17.126 -8.176  1.00 50.67  ? 28  LYS C CB  1 
ATOM   736 C CG  . LYS C 1 28 ? -6.286  -16.912 -7.410  1.00 50.67  ? 28  LYS C CG  1 
ATOM   737 C CD  . LYS C 1 28 ? -7.538  -16.826 -8.271  1.00 50.67  ? 28  LYS C CD  1 
ATOM   738 C CE  . LYS C 1 28 ? -8.589  -15.854 -7.726  1.00 50.67  ? 28  LYS C CE  1 
ATOM   739 N NZ  . LYS C 1 28 ? -9.349  -15.110 -8.783  1.00 50.67  ? 28  LYS C NZ  1 
ATOM   740 N N   . LEU C 1 29 ? -2.149  -18.128 -8.729  1.00 17.04  ? 29  LEU C N   1 
ATOM   741 C CA  . LEU C 1 29 ? -1.140  -18.914 -9.402  1.00 17.04  ? 29  LEU C CA  1 
ATOM   742 C C   . LEU C 1 29 ? -0.231  -19.711 -8.519  1.00 17.04  ? 29  LEU C C   1 
ATOM   743 O O   . LEU C 1 29 ? 0.196   -20.781 -8.910  1.00 21.55  ? 29  LEU C O   1 
ATOM   744 C CB  . LEU C 1 29 ? -0.212  -18.091 -10.248 1.00 21.55  ? 29  LEU C CB  1 
ATOM   745 C CG  . LEU C 1 29 ? -0.778  -16.881 -10.917 1.00 21.55  ? 29  LEU C CG  1 
ATOM   746 C CD1 . LEU C 1 29 ? 0.118   -16.662 -12.131 1.00 21.55  ? 29  LEU C CD1 1 
ATOM   747 C CD2 . LEU C 1 29 ? -2.231  -17.090 -11.325 1.00 21.55  ? 29  LEU C CD2 1 
ATOM   748 N N   . VAL C 1 30 ? 0.245   -19.132 -7.428  1.00 19.49  ? 30  VAL C N   1 
ATOM   749 C CA  . VAL C 1 30 ? 1.220   -19.899 -6.613  1.00 19.49  ? 30  VAL C CA  1 
ATOM   750 C C   . VAL C 1 30 ? 0.566   -21.112 -6.047  1.00 19.49  ? 30  VAL C C   1 
ATOM   751 O O   . VAL C 1 30 ? 0.698   -22.011 -6.812  1.00 14.88  ? 30  VAL C O   1 
ATOM   752 C CB  . VAL C 1 30 ? 2.038   -19.232 -5.512  1.00 14.88  ? 30  VAL C CB  1 
ATOM   753 C CG1 . VAL C 1 30 ? 2.622   -17.907 -5.974  1.00 14.88  ? 30  VAL C CG1 1 
ATOM   754 C CG2 . VAL C 1 30 ? 1.243   -19.204 -4.202  1.00 14.88  ? 30  VAL C CG2 1 
HETATM 755 C C1  . BNZ D 2 .  ? 0.023   2.456   1.384   1.00 27.37  ? 100 BNZ B C1  1 
HETATM 756 C C2  . BNZ D 2 .  ? -0.169  1.218   2.000   1.00 27.37  ? 100 BNZ B C2  1 
HETATM 757 C C3  . BNZ D 2 .  ? -1.165  0.373   1.499   1.00 27.37  ? 100 BNZ B C3  1 
HETATM 758 C C4  . BNZ D 2 .  ? -1.909  0.698   0.364   1.00 27.37  ? 100 BNZ B C4  1 
HETATM 759 C C5  . BNZ D 2 .  ? -1.641  1.904   -0.281  1.00 27.37  ? 100 BNZ B C5  1 
HETATM 760 C C6  . BNZ D 2 .  ? -0.701  2.792   0.242   1.00 27.37  ? 100 BNZ B C6  1 
HETATM 761 O O   . HOH E 3 .  ? 7.999   -1.144  5.663   1.00 40.47  ? 50  HOH A O   1 
HETATM 762 O O   . HOH E 3 .  ? 13.728  0.924   -4.766  1.00 40.47  ? 54  HOH A O   1 
HETATM 763 O O   . HOH E 3 .  ? 2.156   -9.345  -12.454 1.00 40.47  ? 56  HOH A O   1 
HETATM 764 O O   . HOH E 3 .  ? 9.349   -1.376  -7.101  1.00 40.47  ? 58  HOH A O   1 
HETATM 765 O O   . HOH E 3 .  ? -2.574  6.672   14.894  1.00 40.47  ? 59  HOH A O   1 
HETATM 766 O O   . HOH E 3 .  ? 0.659   3.364   13.981  1.00 40.47  ? 63  HOH A O   1 
HETATM 767 O O   . HOH E 3 .  ? 13.250  -10.226 1.655   1.00 40.47  ? 65  HOH A O   1 
HETATM 768 O O   . HOH E 3 .  ? 8.055   -12.650 -12.730 1.00 40.47  ? 66  HOH A O   1 
HETATM 769 O O   . HOH E 3 .  ? 6.600   3.676   -2.722  1.00 40.47  ? 69  HOH A O   1 
HETATM 770 O O   . HOH E 3 .  ? 13.142  -20.284 -7.092  1.00 40.47  ? 74  HOH A O   1 
HETATM 771 O O   . HOH E 3 .  ? 11.419  -14.258 -1.028  1.00 40.47  ? 75  HOH A O   1 
HETATM 772 O O   . HOH E 3 .  ? 7.843   8.118   11.325  1.00 40.47  ? 78  HOH A O   1 
HETATM 773 O O   . HOH F 3 .  ? 11.754  -19.113 -4.462  1.00 40.47  ? 51  HOH B O   1 
HETATM 774 O O   . HOH F 3 .  ? -12.938 17.266  -0.365  1.00 40.47  ? 62  HOH B O   1 
HETATM 775 O O   . HOH F 3 .  ? 5.752   -8.292  4.625   1.00 40.47  ? 64  HOH B O   1 
HETATM 776 O O   . HOH F 3 .  ? -7.800  -4.368  7.553   1.00 40.47  ? 68  HOH B O   1 
HETATM 777 O O   . HOH F 3 .  ? -17.521 8.153   5.968   1.00 40.47  ? 72  HOH B O   1 
HETATM 778 O O   . HOH F 3 .  ? -9.001  -3.265  3.589   1.00 40.47  ? 73  HOH B O   1 
HETATM 779 O O   . HOH F 3 .  ? -5.606  1.015   11.145  1.00 40.47  ? 76  HOH B O   1 
HETATM 780 O O   . HOH F 3 .  ? -7.268  0.732   13.670  1.00 40.47  ? 77  HOH B O   1 
HETATM 781 O O   . HOH G 3 .  ? -4.381  -3.977  -11.408 1.00 40.47  ? 52  HOH C O   1 
HETATM 782 O O   . HOH G 3 .  ? -7.087  -11.825 -9.195  1.00 40.47  ? 53  HOH C O   1 
HETATM 783 O O   . HOH G 3 .  ? -3.876  18.383  -7.828  1.00 40.47  ? 55  HOH C O   1 
HETATM 784 O O   . HOH G 3 .  ? 1.549   -0.238  -6.921  1.00 40.47  ? 57  HOH C O   1 
HETATM 785 O O   . HOH G 3 .  ? -9.035  -2.634  -6.006  1.00 40.47  ? 60  HOH C O   1 
HETATM 786 O O   . HOH G 3 .  ? -5.071  -9.581  -1.565  1.00 40.47  ? 61  HOH C O   1 
HETATM 787 O O   . HOH G 3 .  ? -3.875  -24.210 -6.310  1.00 40.47  ? 67  HOH C O   1 
HETATM 788 O O   . HOH G 3 .  ? 4.689   -4.551  -8.549  1.00 40.47  ? 70  HOH C O   1 
HETATM 789 O O   . HOH G 3 .  ? -8.536  -7.348  -1.421  1.00 40.47  ? 71  HOH C O   1 
# 
